data_6Z0F
#
_entry.id   6Z0F
#
_cell.length_a   149.015
_cell.length_b   83.41
_cell.length_c   106.445
_cell.angle_alpha   90
_cell.angle_beta   108.16
_cell.angle_gamma   90
#
_symmetry.space_group_name_H-M   'C 1 2 1'
#
loop_
_entity.id
_entity.type
_entity.pdbx_description
1 polymer 'ESX secretion system protein YukC'
2 water water
#
_entity_poly.entity_id   1
_entity_poly.type   'polypeptide(L)'
_entity_poly.pdbx_seq_one_letter_code
;MSGEQKSYLENQLEAVAEKTDAGYTFTFQREKIKLLDGLEANVIKDINPFFHKEIDVTDDEVIITIQPPSSYKAFRFMKA
KDKKSKWQFAYQLVQAVQQHNLSRLNLIVAPENIVFDKGLTPYFLHYGVKESIPPYERDEERVWQELKAAAALAVDGAFA
FEDYLKFNETLTFSAEAKAILDAESYDDLLELIQTHIDELEAKAKTYIHIPRKKWNIQRYIGLGLIVLLVPALIYSMYAL
FFAQPKHQAIVDSNRAFLNKQYSEVISTLSKYDAESLPESVQYQLATSYVEVENLGSAKTKNIENNLVTLQSDPQHFLYW
IDYGRGEYKEAISIGRKLEYNDYIYFALAKYKQQLLSEDTNDEDIQKELDSVNSELEKAQKERQENKQSNSETSLVDTSE
EQTQTDEEKQAEEWSHPQFEKAA
;
_entity_poly.pdbx_strand_id   A,B
#
# COMPACT_ATOMS: atom_id res chain seq x y z
N GLY A 3 17.69 -23.80 -50.36
CA GLY A 3 18.81 -23.11 -49.76
C GLY A 3 19.11 -23.57 -48.34
N GLU A 4 19.62 -24.79 -48.20
CA GLU A 4 19.94 -25.33 -46.88
C GLU A 4 21.27 -24.76 -46.35
N GLN A 5 21.26 -23.49 -45.89
CA GLN A 5 22.43 -22.80 -45.35
C GLN A 5 22.92 -23.48 -44.08
N LYS A 6 24.23 -23.82 -44.03
CA LYS A 6 24.76 -24.50 -42.84
C LYS A 6 25.10 -23.52 -41.72
N SER A 7 25.17 -24.03 -40.49
CA SER A 7 25.47 -23.24 -39.31
C SER A 7 26.99 -23.06 -39.13
N TYR A 8 27.41 -22.29 -38.13
CA TYR A 8 28.82 -22.05 -37.86
C TYR A 8 29.51 -23.37 -37.48
N LEU A 9 28.87 -24.16 -36.61
CA LEU A 9 29.40 -25.44 -36.13
C LEU A 9 29.61 -26.40 -37.29
N GLU A 10 28.66 -26.45 -38.22
CA GLU A 10 28.76 -27.34 -39.37
C GLU A 10 29.91 -26.94 -40.30
N ASN A 11 30.10 -25.64 -40.56
CA ASN A 11 31.16 -25.16 -41.45
C ASN A 11 32.56 -25.31 -40.86
N GLN A 12 32.68 -25.24 -39.54
CA GLN A 12 33.98 -25.35 -38.88
C GLN A 12 34.46 -26.79 -38.80
N LEU A 13 33.57 -27.70 -38.43
CA LEU A 13 33.93 -29.11 -38.27
C LEU A 13 33.79 -29.93 -39.55
N GLU A 14 33.09 -29.39 -40.59
CA GLU A 14 32.77 -30.09 -41.83
C GLU A 14 31.95 -31.34 -41.49
N ALA A 15 30.89 -31.12 -40.71
CA ALA A 15 30.01 -32.18 -40.24
C ALA A 15 28.55 -31.75 -40.30
N VAL A 16 27.61 -32.71 -40.32
CA VAL A 16 26.19 -32.37 -40.35
C VAL A 16 25.61 -32.54 -38.95
N ALA A 17 25.11 -31.45 -38.36
CA ALA A 17 24.52 -31.46 -37.03
C ALA A 17 22.99 -31.49 -37.12
N GLU A 18 22.35 -32.51 -36.55
CA GLU A 18 20.89 -32.68 -36.55
C GLU A 18 20.38 -33.12 -35.17
N LYS A 19 19.08 -32.96 -34.88
CA LYS A 19 18.55 -33.37 -33.58
C LYS A 19 17.44 -34.40 -33.78
N THR A 20 17.77 -35.66 -33.48
CA THR A 20 16.86 -36.79 -33.61
C THR A 20 16.31 -37.21 -32.22
N ASP A 21 15.38 -38.18 -32.17
CA ASP A 21 14.86 -38.68 -30.91
C ASP A 21 15.99 -39.38 -30.10
N ALA A 22 16.97 -40.00 -30.79
CA ALA A 22 18.12 -40.65 -30.17
C ALA A 22 19.12 -39.65 -29.55
N GLY A 23 19.09 -38.39 -30.00
CA GLY A 23 19.98 -37.35 -29.49
C GLY A 23 20.54 -36.45 -30.57
N TYR A 24 21.52 -35.63 -30.20
CA TYR A 24 22.19 -34.73 -31.12
C TYR A 24 23.19 -35.51 -31.97
N THR A 25 23.09 -35.40 -33.30
CA THR A 25 23.94 -36.10 -34.24
C THR A 25 25.04 -35.18 -34.81
N PHE A 26 26.28 -35.69 -34.89
CA PHE A 26 27.42 -34.99 -35.48
C PHE A 26 28.11 -35.94 -36.42
N THR A 27 27.66 -36.01 -37.68
CA THR A 27 28.22 -36.96 -38.63
C THR A 27 29.30 -36.31 -39.54
N PHE A 28 30.50 -36.89 -39.51
CA PHE A 28 31.69 -36.49 -40.26
C PHE A 28 32.02 -37.51 -41.38
N GLN A 29 32.94 -37.17 -42.29
CA GLN A 29 33.38 -38.11 -43.31
C GLN A 29 34.62 -38.85 -42.79
N ARG A 30 34.70 -40.18 -43.02
CA ARG A 30 35.78 -41.02 -42.53
C ARG A 30 37.19 -40.48 -42.92
N GLU A 31 37.33 -39.88 -44.11
CA GLU A 31 38.59 -39.30 -44.57
C GLU A 31 39.12 -38.22 -43.62
N LYS A 32 38.21 -37.42 -43.05
CA LYS A 32 38.61 -36.33 -42.16
C LYS A 32 38.66 -36.76 -40.67
N ILE A 33 38.57 -38.05 -40.36
CA ILE A 33 38.63 -38.52 -38.97
C ILE A 33 39.79 -39.50 -38.82
N LYS A 34 40.83 -39.11 -38.06
CA LYS A 34 41.99 -39.97 -37.87
C LYS A 34 41.89 -40.76 -36.55
N LEU A 35 41.67 -42.07 -36.61
CA LEU A 35 41.57 -42.89 -35.40
C LEU A 35 42.80 -43.81 -35.31
N LEU A 36 43.94 -43.25 -34.82
CA LEU A 36 45.24 -43.94 -34.76
C LEU A 36 45.40 -44.92 -33.57
N ASP A 37 44.58 -44.78 -32.52
CA ASP A 37 44.61 -45.71 -31.39
C ASP A 37 43.48 -46.75 -31.59
N GLY A 38 43.33 -47.68 -30.64
CA GLY A 38 42.27 -48.67 -30.76
C GLY A 38 40.96 -48.26 -30.15
N LEU A 39 40.98 -47.16 -29.37
CA LEU A 39 39.88 -46.67 -28.57
C LEU A 39 38.69 -46.09 -29.34
N GLU A 40 38.85 -45.72 -30.62
CA GLU A 40 37.75 -45.13 -31.40
C GLU A 40 37.08 -43.93 -30.68
N ALA A 41 37.86 -42.85 -30.44
CA ALA A 41 37.44 -41.61 -29.80
C ALA A 41 36.68 -41.84 -28.48
N ASN A 42 37.14 -42.81 -27.69
CA ASN A 42 36.51 -43.15 -26.41
C ASN A 42 36.69 -42.01 -25.35
N VAL A 43 37.66 -41.10 -25.57
CA VAL A 43 37.97 -39.98 -24.67
C VAL A 43 36.78 -39.00 -24.54
N ILE A 44 35.93 -38.87 -25.59
CA ILE A 44 34.81 -37.93 -25.53
C ILE A 44 33.77 -38.29 -24.45
N LYS A 45 33.78 -39.54 -23.97
CA LYS A 45 32.85 -39.94 -22.91
C LYS A 45 33.34 -39.53 -21.52
N ASP A 46 34.51 -38.91 -21.40
CA ASP A 46 35.08 -38.53 -20.11
C ASP A 46 34.68 -37.14 -19.63
N ILE A 47 33.90 -36.36 -20.42
CA ILE A 47 33.52 -35.01 -19.97
C ILE A 47 32.16 -35.03 -19.28
N ASN A 48 31.12 -35.48 -19.97
CA ASN A 48 29.79 -35.54 -19.37
C ASN A 48 29.33 -36.97 -19.36
N PRO A 49 29.68 -37.74 -18.31
CA PRO A 49 29.30 -39.16 -18.28
C PRO A 49 27.79 -39.37 -18.20
N PHE A 50 27.06 -38.38 -17.67
CA PHE A 50 25.60 -38.37 -17.56
C PHE A 50 24.95 -38.27 -18.97
N PHE A 51 25.68 -37.74 -19.97
CA PHE A 51 25.24 -37.67 -21.36
C PHE A 51 25.53 -39.01 -22.03
N HIS A 52 24.53 -39.60 -22.68
CA HIS A 52 24.70 -40.87 -23.39
C HIS A 52 25.51 -40.59 -24.66
N LYS A 53 26.73 -41.13 -24.78
CA LYS A 53 27.56 -40.87 -25.95
C LYS A 53 27.89 -42.12 -26.74
N GLU A 54 27.60 -42.08 -28.05
CA GLU A 54 27.87 -43.19 -28.98
C GLU A 54 28.72 -42.71 -30.14
N ILE A 55 29.58 -43.58 -30.67
CA ILE A 55 30.39 -43.26 -31.83
C ILE A 55 30.25 -44.40 -32.85
N ASP A 56 29.71 -44.10 -34.04
CA ASP A 56 29.54 -45.11 -35.08
C ASP A 56 30.57 -44.91 -36.18
N VAL A 57 31.46 -45.88 -36.38
CA VAL A 57 32.48 -45.77 -37.41
C VAL A 57 32.17 -46.68 -38.59
N THR A 58 31.88 -46.10 -39.75
CA THR A 58 31.64 -46.87 -40.96
C THR A 58 32.78 -46.60 -41.97
N ASP A 59 32.82 -47.37 -43.08
CA ASP A 59 33.86 -47.25 -44.09
C ASP A 59 33.88 -45.89 -44.82
N ASP A 60 32.92 -44.98 -44.51
CA ASP A 60 32.87 -43.66 -45.15
C ASP A 60 32.19 -42.58 -44.29
N GLU A 61 31.88 -42.86 -43.01
CA GLU A 61 31.24 -41.87 -42.14
C GLU A 61 31.48 -42.16 -40.67
N VAL A 62 31.58 -41.10 -39.85
CA VAL A 62 31.73 -41.22 -38.39
C VAL A 62 30.57 -40.46 -37.75
N ILE A 63 29.66 -41.15 -37.07
CA ILE A 63 28.49 -40.49 -36.49
C ILE A 63 28.55 -40.48 -34.96
N ILE A 64 28.71 -39.29 -34.39
CA ILE A 64 28.74 -39.11 -32.94
C ILE A 64 27.34 -38.73 -32.44
N THR A 65 26.81 -39.43 -31.43
CA THR A 65 25.47 -39.15 -30.91
C THR A 65 25.50 -38.83 -29.43
N ILE A 66 25.19 -37.57 -29.08
CA ILE A 66 25.18 -37.10 -27.68
C ILE A 66 23.75 -36.92 -27.23
N GLN A 67 23.35 -37.62 -26.16
CA GLN A 67 21.99 -37.51 -25.64
C GLN A 67 22.01 -36.99 -24.21
N PRO A 68 21.96 -35.67 -24.02
CA PRO A 68 21.91 -35.12 -22.66
C PRO A 68 20.54 -35.39 -21.99
N PRO A 69 20.42 -35.22 -20.66
CA PRO A 69 19.11 -35.46 -20.01
C PRO A 69 17.99 -34.62 -20.62
N SER A 70 16.77 -35.17 -20.68
CA SER A 70 15.60 -34.53 -21.29
C SER A 70 15.39 -33.08 -20.83
N SER A 71 15.60 -32.80 -19.54
CA SER A 71 15.42 -31.47 -18.95
C SER A 71 16.41 -30.41 -19.48
N TYR A 72 17.50 -30.84 -20.12
CA TYR A 72 18.49 -29.90 -20.67
C TYR A 72 17.95 -29.30 -21.96
N LYS A 73 17.97 -27.97 -22.08
CA LYS A 73 17.43 -27.31 -23.26
C LYS A 73 18.51 -26.72 -24.14
N ALA A 74 18.27 -26.63 -25.45
CA ALA A 74 19.26 -26.04 -26.36
C ALA A 74 19.41 -24.54 -26.12
N PHE A 75 20.60 -23.99 -26.42
CA PHE A 75 20.98 -22.57 -26.28
C PHE A 75 19.86 -21.60 -26.69
N ARG A 76 19.13 -21.90 -27.78
CA ARG A 76 18.06 -21.06 -28.32
C ARG A 76 16.98 -20.71 -27.27
N PHE A 77 16.88 -21.49 -26.18
CA PHE A 77 15.87 -21.22 -25.17
C PHE A 77 16.31 -20.20 -24.10
N MET A 78 17.52 -19.64 -24.24
CA MET A 78 17.99 -18.62 -23.32
C MET A 78 17.40 -17.26 -23.68
N LYS A 79 17.25 -16.99 -24.99
CA LYS A 79 16.77 -15.73 -25.57
C LYS A 79 15.49 -15.21 -24.90
N ALA A 80 14.59 -16.11 -24.46
CA ALA A 80 13.33 -15.71 -23.86
C ALA A 80 13.41 -15.49 -22.34
N LYS A 81 14.55 -15.81 -21.70
CA LYS A 81 14.70 -15.65 -20.26
C LYS A 81 14.96 -14.18 -19.86
N ASP A 82 14.94 -13.89 -18.55
CA ASP A 82 15.19 -12.56 -18.02
C ASP A 82 16.68 -12.24 -18.01
N LYS A 83 17.03 -10.94 -17.93
CA LYS A 83 18.42 -10.47 -17.96
C LYS A 83 19.24 -11.04 -16.83
N LYS A 84 18.66 -11.26 -15.66
CA LYS A 84 19.39 -11.84 -14.53
C LYS A 84 19.88 -13.25 -14.87
N SER A 85 19.01 -14.04 -15.52
CA SER A 85 19.31 -15.38 -15.94
C SER A 85 20.33 -15.40 -17.07
N LYS A 86 20.23 -14.44 -18.00
CA LYS A 86 21.16 -14.35 -19.12
C LYS A 86 22.60 -14.08 -18.62
N TRP A 87 22.75 -13.13 -17.69
CA TRP A 87 24.06 -12.80 -17.13
C TRP A 87 24.58 -13.95 -16.25
N GLN A 88 23.70 -14.75 -15.61
CA GLN A 88 24.16 -15.92 -14.85
C GLN A 88 24.60 -17.02 -15.80
N PHE A 89 23.92 -17.18 -16.93
CA PHE A 89 24.29 -18.17 -17.92
C PHE A 89 25.62 -17.79 -18.55
N ALA A 90 25.81 -16.50 -18.88
CA ALA A 90 27.06 -16.01 -19.45
C ALA A 90 28.23 -16.15 -18.46
N TYR A 91 27.99 -15.97 -17.15
CA TYR A 91 29.05 -16.14 -16.15
C TYR A 91 29.49 -17.58 -16.10
N GLN A 92 28.54 -18.51 -16.16
CA GLN A 92 28.84 -19.93 -16.11
C GLN A 92 29.39 -20.44 -17.46
N LEU A 93 29.10 -19.78 -18.57
CA LEU A 93 29.61 -20.18 -19.88
C LEU A 93 31.10 -19.86 -19.95
N VAL A 94 31.50 -18.67 -19.49
CA VAL A 94 32.92 -18.27 -19.44
C VAL A 94 33.69 -19.21 -18.51
N GLN A 95 33.10 -19.55 -17.36
CA GLN A 95 33.73 -20.43 -16.39
C GLN A 95 33.93 -21.82 -16.95
N ALA A 96 32.97 -22.37 -17.71
CA ALA A 96 33.10 -23.71 -18.28
C ALA A 96 34.21 -23.79 -19.34
N VAL A 97 34.45 -22.68 -20.05
CA VAL A 97 35.52 -22.61 -21.03
C VAL A 97 36.87 -22.45 -20.32
N GLN A 98 36.91 -21.58 -19.30
CA GLN A 98 38.09 -21.29 -18.49
C GLN A 98 38.53 -22.53 -17.68
N GLN A 99 37.56 -23.32 -17.21
CA GLN A 99 37.85 -24.50 -16.39
C GLN A 99 38.09 -25.80 -17.21
N HIS A 100 38.02 -25.73 -18.55
CA HIS A 100 38.26 -26.89 -19.38
C HIS A 100 39.75 -27.27 -19.28
N ASN A 101 40.04 -28.49 -18.78
CA ASN A 101 41.42 -28.91 -18.57
C ASN A 101 41.80 -30.20 -19.32
N LEU A 102 40.80 -30.96 -19.84
CA LEU A 102 41.04 -32.22 -20.55
C LEU A 102 41.88 -32.01 -21.83
N SER A 103 43.18 -32.38 -21.75
CA SER A 103 44.21 -32.19 -22.76
C SER A 103 43.86 -32.70 -24.17
N ARG A 104 43.36 -33.95 -24.29
CA ARG A 104 43.02 -34.49 -25.60
C ARG A 104 41.68 -33.97 -26.14
N LEU A 105 40.90 -33.23 -25.35
CA LEU A 105 39.62 -32.71 -25.82
C LEU A 105 39.72 -31.20 -26.08
N ASN A 106 39.25 -30.78 -27.26
CA ASN A 106 39.34 -29.41 -27.70
C ASN A 106 37.94 -28.80 -27.86
N LEU A 107 37.77 -27.55 -27.42
CA LEU A 107 36.49 -26.84 -27.43
C LEU A 107 36.11 -26.19 -28.76
N ILE A 108 34.80 -25.98 -28.95
CA ILE A 108 34.18 -25.23 -30.03
C ILE A 108 32.94 -24.57 -29.40
N VAL A 109 33.09 -23.30 -29.01
CA VAL A 109 32.04 -22.57 -28.31
C VAL A 109 31.02 -21.99 -29.31
N ALA A 110 30.13 -22.83 -29.79
CA ALA A 110 29.09 -22.43 -30.72
C ALA A 110 27.71 -22.62 -30.10
N PRO A 111 26.72 -21.77 -30.42
CA PRO A 111 25.38 -21.94 -29.85
C PRO A 111 24.75 -23.30 -30.18
N GLU A 112 24.92 -23.77 -31.44
CA GLU A 112 24.43 -25.07 -31.88
C GLU A 112 25.11 -26.25 -31.11
N ASN A 113 26.14 -25.97 -30.33
CA ASN A 113 26.87 -26.94 -29.52
C ASN A 113 26.60 -26.79 -28.01
N ILE A 114 25.71 -25.88 -27.59
CA ILE A 114 25.45 -25.66 -26.17
C ILE A 114 24.02 -26.04 -25.76
N VAL A 115 23.91 -26.72 -24.61
CA VAL A 115 22.66 -27.08 -23.93
C VAL A 115 22.80 -26.64 -22.44
N PHE A 116 21.69 -26.21 -21.80
CA PHE A 116 21.76 -25.78 -20.40
C PHE A 116 20.70 -26.47 -19.53
N ASP A 117 21.01 -26.68 -18.23
CA ASP A 117 20.11 -27.33 -17.28
C ASP A 117 19.22 -26.31 -16.50
N LYS A 118 18.38 -26.78 -15.55
CA LYS A 118 17.51 -25.90 -14.73
C LYS A 118 18.32 -24.88 -13.89
N GLY A 119 19.59 -25.19 -13.60
CA GLY A 119 20.45 -24.27 -12.88
C GLY A 119 21.20 -23.29 -13.77
N LEU A 120 20.83 -23.25 -15.08
CA LEU A 120 21.38 -22.40 -16.14
C LEU A 120 22.85 -22.70 -16.45
N THR A 121 23.32 -23.91 -16.13
CA THR A 121 24.71 -24.29 -16.39
C THR A 121 24.85 -24.74 -17.83
N PRO A 122 25.83 -24.22 -18.58
CA PRO A 122 25.98 -24.65 -19.98
C PRO A 122 26.88 -25.89 -20.13
N TYR A 123 26.61 -26.67 -21.17
CA TYR A 123 27.33 -27.89 -21.49
C TYR A 123 27.58 -27.97 -22.98
N PHE A 124 28.75 -28.48 -23.37
CA PHE A 124 29.07 -28.61 -24.79
C PHE A 124 28.76 -30.02 -25.26
N LEU A 125 28.07 -30.15 -26.40
CA LEU A 125 27.69 -31.47 -26.90
C LEU A 125 28.88 -32.17 -27.56
N HIS A 126 29.48 -31.55 -28.58
CA HIS A 126 30.60 -32.11 -29.30
C HIS A 126 31.93 -31.52 -28.84
N TYR A 127 32.92 -32.38 -28.67
CA TYR A 127 34.29 -32.03 -28.33
C TYR A 127 35.22 -32.58 -29.40
N GLY A 128 36.20 -31.80 -29.79
CA GLY A 128 37.20 -32.26 -30.74
C GLY A 128 38.21 -33.14 -30.03
N VAL A 129 38.87 -34.04 -30.78
CA VAL A 129 39.88 -34.92 -30.19
C VAL A 129 41.23 -34.58 -30.83
N LYS A 130 42.29 -34.44 -30.01
CA LYS A 130 43.63 -34.09 -30.46
C LYS A 130 44.10 -34.93 -31.63
N GLU A 131 44.27 -34.27 -32.79
CA GLU A 131 44.71 -34.84 -34.07
C GLU A 131 43.80 -36.00 -34.51
N SER A 132 42.50 -35.95 -34.17
CA SER A 132 41.58 -37.03 -34.49
C SER A 132 40.24 -36.51 -35.05
N ILE A 133 39.48 -35.73 -34.26
CA ILE A 133 38.18 -35.22 -34.68
C ILE A 133 38.19 -33.71 -34.56
N PRO A 134 37.81 -32.97 -35.62
CA PRO A 134 37.83 -31.51 -35.54
C PRO A 134 36.98 -30.94 -34.40
N PRO A 135 37.47 -29.90 -33.70
CA PRO A 135 38.76 -29.22 -33.89
C PRO A 135 39.95 -30.11 -33.50
N TYR A 136 40.81 -30.44 -34.48
CA TYR A 136 41.97 -31.31 -34.27
C TYR A 136 42.94 -30.75 -33.25
N GLU A 137 43.20 -29.45 -33.28
CA GLU A 137 44.15 -28.84 -32.36
C GLU A 137 43.48 -27.73 -31.53
N ARG A 138 44.07 -27.37 -30.39
CA ARG A 138 43.56 -26.29 -29.56
C ARG A 138 43.78 -24.95 -30.22
N ASP A 139 42.79 -24.07 -30.14
CA ASP A 139 42.91 -22.74 -30.70
C ASP A 139 42.32 -21.79 -29.70
N GLU A 140 43.15 -21.31 -28.76
CA GLU A 140 42.77 -20.41 -27.69
C GLU A 140 42.21 -19.11 -28.22
N GLU A 141 42.74 -18.59 -29.33
CA GLU A 141 42.27 -17.34 -29.90
C GLU A 141 40.88 -17.53 -30.52
N ARG A 142 40.65 -18.67 -31.18
CA ARG A 142 39.37 -18.98 -31.82
C ARG A 142 38.31 -19.25 -30.76
N VAL A 143 38.67 -19.98 -29.71
CA VAL A 143 37.75 -20.30 -28.61
C VAL A 143 37.40 -19.01 -27.83
N TRP A 144 38.36 -18.09 -27.68
CA TRP A 144 38.13 -16.82 -26.97
C TRP A 144 37.10 -15.98 -27.70
N GLN A 145 37.24 -15.85 -29.03
CA GLN A 145 36.30 -15.06 -29.84
C GLN A 145 34.93 -15.73 -29.94
N GLU A 146 34.89 -17.05 -29.94
CA GLU A 146 33.66 -17.81 -29.95
C GLU A 146 32.90 -17.57 -28.64
N LEU A 147 33.62 -17.60 -27.51
CA LEU A 147 33.05 -17.39 -26.18
C LEU A 147 32.43 -16.00 -26.04
N LYS A 148 33.14 -14.94 -26.45
CA LYS A 148 32.59 -13.59 -26.34
C LYS A 148 31.39 -13.39 -27.24
N ALA A 149 31.35 -14.06 -28.40
CA ALA A 149 30.21 -13.96 -29.30
C ALA A 149 29.01 -14.73 -28.76
N ALA A 150 29.25 -15.88 -28.11
CA ALA A 150 28.18 -16.67 -27.52
C ALA A 150 27.60 -15.94 -26.32
N ALA A 151 28.46 -15.30 -25.51
CA ALA A 151 28.02 -14.54 -24.34
C ALA A 151 27.21 -13.32 -24.78
N ALA A 152 27.64 -12.65 -25.86
CA ALA A 152 26.93 -11.49 -26.38
C ALA A 152 25.60 -11.89 -27.00
N LEU A 153 25.56 -13.05 -27.68
CA LEU A 153 24.32 -13.54 -28.27
C LEU A 153 23.30 -13.89 -27.18
N ALA A 154 23.76 -14.52 -26.09
CA ALA A 154 22.89 -14.92 -24.99
C ALA A 154 22.40 -13.73 -24.18
N VAL A 155 23.23 -12.70 -23.99
CA VAL A 155 22.85 -11.53 -23.20
C VAL A 155 22.08 -10.49 -24.06
N ASP A 156 22.70 -9.98 -25.15
CA ASP A 156 22.06 -8.97 -25.99
C ASP A 156 20.95 -9.61 -26.86
N GLY A 157 21.32 -10.50 -27.78
CA GLY A 157 20.35 -11.16 -28.65
C GLY A 157 19.80 -10.33 -29.78
N ALA A 158 20.36 -9.14 -30.02
CA ALA A 158 19.89 -8.26 -31.09
C ALA A 158 20.32 -8.77 -32.47
N PHE A 159 21.44 -9.50 -32.56
CA PHE A 159 21.95 -10.03 -33.83
C PHE A 159 22.28 -11.55 -33.71
N ALA A 160 22.73 -12.18 -34.81
CA ALA A 160 23.07 -13.60 -34.82
C ALA A 160 24.52 -13.82 -34.37
N PHE A 161 24.88 -15.05 -33.96
CA PHE A 161 26.22 -15.42 -33.50
C PHE A 161 27.33 -14.97 -34.45
N GLU A 162 27.15 -15.16 -35.76
CA GLU A 162 28.16 -14.77 -36.76
C GLU A 162 28.40 -13.26 -36.81
N ASP A 163 27.38 -12.45 -36.45
CA ASP A 163 27.51 -11.00 -36.45
C ASP A 163 28.48 -10.59 -35.33
N TYR A 164 28.29 -11.12 -34.11
CA TYR A 164 29.16 -10.80 -32.99
C TYR A 164 30.56 -11.38 -33.17
N LEU A 165 30.66 -12.55 -33.77
CA LEU A 165 31.93 -13.25 -33.97
C LEU A 165 32.80 -12.68 -35.09
N LYS A 166 32.31 -12.63 -36.34
CA LYS A 166 33.15 -12.24 -37.46
C LYS A 166 33.09 -10.73 -37.73
N PHE A 167 31.96 -10.20 -38.25
CA PHE A 167 31.85 -8.77 -38.55
C PHE A 167 31.62 -7.96 -37.28
N ASN A 168 32.68 -7.71 -36.50
CA ASN A 168 32.57 -6.94 -35.26
C ASN A 168 33.01 -5.48 -35.49
N GLU A 169 33.97 -5.24 -36.39
CA GLU A 169 34.43 -3.87 -36.65
C GLU A 169 33.61 -3.16 -37.75
N THR A 170 32.39 -3.63 -38.04
CA THR A 170 31.55 -3.02 -39.08
C THR A 170 30.15 -2.67 -38.56
N LEU A 171 29.65 -3.46 -37.61
CA LEU A 171 28.30 -3.32 -37.07
C LEU A 171 28.24 -2.50 -35.79
N THR A 172 27.29 -1.56 -35.74
CA THR A 172 27.03 -0.71 -34.58
C THR A 172 26.37 -1.54 -33.47
N PHE A 173 27.17 -2.17 -32.63
CA PHE A 173 26.68 -3.02 -31.54
C PHE A 173 26.11 -2.25 -30.35
N SER A 174 25.35 -2.95 -29.49
CA SER A 174 24.80 -2.42 -28.24
C SER A 174 25.92 -2.15 -27.24
N ALA A 175 25.65 -1.32 -26.21
CA ALA A 175 26.65 -1.01 -25.19
C ALA A 175 27.00 -2.25 -24.35
N GLU A 176 25.99 -3.11 -24.09
CA GLU A 176 26.19 -4.33 -23.32
C GLU A 176 26.95 -5.37 -24.13
N ALA A 177 26.65 -5.47 -25.43
CA ALA A 177 27.32 -6.42 -26.32
C ALA A 177 28.76 -5.98 -26.63
N LYS A 178 29.00 -4.68 -26.80
CA LYS A 178 30.36 -4.16 -27.06
C LYS A 178 31.26 -4.40 -25.86
N ALA A 179 30.72 -4.29 -24.63
CA ALA A 179 31.48 -4.51 -23.42
C ALA A 179 31.96 -5.97 -23.34
N ILE A 180 31.09 -6.92 -23.72
CA ILE A 180 31.43 -8.34 -23.70
C ILE A 180 32.46 -8.65 -24.79
N LEU A 181 32.23 -8.18 -26.00
CA LEU A 181 33.13 -8.44 -27.13
C LEU A 181 34.47 -7.69 -27.03
N ASP A 182 34.55 -6.63 -26.21
CA ASP A 182 35.81 -5.89 -26.06
C ASP A 182 36.62 -6.34 -24.82
N ALA A 183 36.24 -7.45 -24.18
CA ALA A 183 36.97 -7.96 -23.02
C ALA A 183 38.37 -8.40 -23.45
N GLU A 184 39.39 -8.05 -22.67
CA GLU A 184 40.77 -8.39 -23.02
C GLU A 184 41.28 -9.67 -22.33
N SER A 185 40.54 -10.21 -21.34
CA SER A 185 40.94 -11.42 -20.63
C SER A 185 39.73 -12.11 -19.95
N TYR A 186 39.91 -13.36 -19.50
CA TYR A 186 38.85 -14.12 -18.82
C TYR A 186 38.42 -13.42 -17.53
N ASP A 187 39.37 -12.93 -16.72
CA ASP A 187 39.02 -12.26 -15.48
C ASP A 187 38.33 -10.92 -15.74
N ASP A 188 38.71 -10.21 -16.82
CA ASP A 188 38.07 -8.96 -17.19
C ASP A 188 36.62 -9.17 -17.60
N LEU A 189 36.33 -10.26 -18.34
CA LEU A 189 34.98 -10.60 -18.77
C LEU A 189 34.15 -11.09 -17.60
N LEU A 190 34.77 -11.86 -16.69
CA LEU A 190 34.10 -12.37 -15.51
C LEU A 190 33.73 -11.23 -14.57
N GLU A 191 34.60 -10.19 -14.46
CA GLU A 191 34.34 -9.02 -13.63
C GLU A 191 33.23 -8.17 -14.24
N LEU A 192 33.26 -8.01 -15.56
CA LEU A 192 32.23 -7.30 -16.32
C LEU A 192 30.86 -7.96 -16.15
N ILE A 193 30.82 -9.30 -16.18
CA ILE A 193 29.59 -10.05 -16.05
C ILE A 193 29.11 -10.01 -14.58
N GLN A 194 30.05 -10.11 -13.64
CA GLN A 194 29.76 -10.08 -12.20
C GLN A 194 29.15 -8.74 -11.78
N THR A 195 29.66 -7.61 -12.31
CA THR A 195 29.10 -6.32 -11.93
C THR A 195 27.67 -6.17 -12.43
N HIS A 196 27.33 -6.76 -13.57
CA HIS A 196 25.96 -6.71 -14.09
C HIS A 196 25.04 -7.55 -13.21
N ILE A 197 25.52 -8.69 -12.72
CA ILE A 197 24.74 -9.55 -11.84
C ILE A 197 24.51 -8.82 -10.52
N ASP A 198 25.58 -8.22 -9.97
CA ASP A 198 25.55 -7.47 -8.72
C ASP A 198 24.64 -6.28 -8.82
N GLU A 199 24.61 -5.60 -9.96
CA GLU A 199 23.77 -4.43 -10.13
C GLU A 199 22.29 -4.82 -10.26
N LEU A 200 22.02 -5.97 -10.87
CA LEU A 200 20.65 -6.44 -11.05
C LEU A 200 20.06 -6.91 -9.72
N GLU A 201 20.87 -7.66 -8.96
CA GLU A 201 20.50 -8.20 -7.66
C GLU A 201 20.23 -7.07 -6.66
N ALA A 202 21.02 -5.98 -6.73
CA ALA A 202 20.87 -4.83 -5.85
C ALA A 202 19.61 -4.08 -6.19
N LYS A 203 19.28 -3.94 -7.48
CA LYS A 203 18.08 -3.23 -7.93
C LYS A 203 16.83 -4.01 -7.48
N ALA A 204 16.86 -5.33 -7.65
CA ALA A 204 15.75 -6.20 -7.26
C ALA A 204 15.43 -6.13 -5.77
N LYS A 205 16.44 -5.84 -4.92
CA LYS A 205 16.28 -5.73 -3.48
C LYS A 205 15.41 -4.54 -3.06
N THR A 206 15.42 -3.47 -3.86
CA THR A 206 14.59 -2.30 -3.59
C THR A 206 13.18 -2.40 -4.16
N TYR A 207 12.75 -3.61 -4.57
CA TYR A 207 11.45 -3.82 -5.17
C TYR A 207 10.57 -4.69 -4.30
N ILE A 208 9.27 -4.44 -4.33
CA ILE A 208 8.30 -5.25 -3.62
C ILE A 208 7.54 -6.08 -4.67
N HIS A 209 7.13 -7.30 -4.33
CA HIS A 209 6.44 -8.17 -5.28
C HIS A 209 5.06 -8.51 -4.73
N ILE A 210 4.05 -7.87 -5.29
CA ILE A 210 2.67 -8.02 -4.86
C ILE A 210 1.89 -8.76 -5.93
N PRO A 211 1.02 -9.72 -5.57
CA PRO A 211 0.14 -10.33 -6.59
C PRO A 211 -0.76 -9.27 -7.20
N ARG A 212 -0.86 -9.21 -8.53
CA ARG A 212 -1.62 -8.18 -9.26
C ARG A 212 -3.04 -8.00 -8.70
N LYS A 213 -3.70 -9.08 -8.25
CA LYS A 213 -5.04 -8.99 -7.70
C LYS A 213 -5.04 -8.24 -6.38
N LYS A 214 -4.06 -8.52 -5.52
CA LYS A 214 -3.97 -7.84 -4.23
C LYS A 214 -3.62 -6.37 -4.43
N TRP A 215 -2.70 -6.09 -5.34
CA TRP A 215 -2.27 -4.73 -5.67
C TRP A 215 -3.44 -3.92 -6.22
N ASN A 216 -4.23 -4.53 -7.10
CA ASN A 216 -5.35 -3.87 -7.73
C ASN A 216 -6.47 -3.60 -6.74
N ILE A 217 -6.74 -4.52 -5.78
CA ILE A 217 -7.82 -4.26 -4.81
C ILE A 217 -7.39 -3.12 -3.87
N GLN A 218 -6.10 -3.04 -3.50
CA GLN A 218 -5.59 -1.95 -2.65
C GLN A 218 -5.71 -0.59 -3.33
N ARG A 219 -5.57 -0.56 -4.66
CA ARG A 219 -5.66 0.64 -5.49
C ARG A 219 -7.09 1.13 -5.58
N TYR A 220 -8.06 0.21 -5.75
CA TYR A 220 -9.47 0.63 -5.80
C TYR A 220 -9.94 1.04 -4.40
N ILE A 221 -9.36 0.46 -3.33
CA ILE A 221 -9.68 0.86 -1.95
C ILE A 221 -9.22 2.30 -1.75
N GLY A 222 -7.97 2.57 -2.14
CA GLY A 222 -7.38 3.91 -2.05
C GLY A 222 -8.11 4.94 -2.88
N LEU A 223 -8.51 4.58 -4.10
CA LEU A 223 -9.27 5.48 -4.98
C LEU A 223 -10.70 5.70 -4.44
N GLY A 224 -11.27 4.67 -3.81
CA GLY A 224 -12.58 4.75 -3.18
C GLY A 224 -12.55 5.67 -1.98
N LEU A 225 -11.43 5.73 -1.27
CA LEU A 225 -11.23 6.62 -0.13
C LEU A 225 -11.19 8.06 -0.60
N ILE A 226 -10.57 8.34 -1.75
CA ILE A 226 -10.46 9.69 -2.30
C ILE A 226 -11.83 10.18 -2.76
N VAL A 227 -12.59 9.36 -3.50
CA VAL A 227 -13.93 9.77 -3.95
C VAL A 227 -14.94 9.87 -2.76
N LEU A 228 -14.58 9.35 -1.58
CA LEU A 228 -15.40 9.44 -0.38
C LEU A 228 -14.96 10.62 0.50
N LEU A 229 -13.67 11.02 0.43
CA LEU A 229 -13.10 12.12 1.22
C LEU A 229 -13.42 13.49 0.63
N VAL A 230 -13.51 13.63 -0.71
CA VAL A 230 -13.80 14.94 -1.29
C VAL A 230 -15.23 15.41 -0.91
N PRO A 231 -16.30 14.57 -0.94
CA PRO A 231 -17.61 15.08 -0.50
C PRO A 231 -17.68 15.27 1.01
N ALA A 232 -17.00 14.43 1.79
CA ALA A 232 -17.00 14.53 3.25
C ALA A 232 -16.26 15.77 3.72
N LEU A 233 -15.18 16.15 3.04
CA LEU A 233 -14.44 17.35 3.42
C LEU A 233 -15.23 18.59 3.02
N ILE A 234 -15.79 18.61 1.81
CA ILE A 234 -16.57 19.73 1.32
C ILE A 234 -17.82 19.94 2.20
N TYR A 235 -18.50 18.85 2.61
CA TYR A 235 -19.68 18.98 3.47
C TYR A 235 -19.27 19.45 4.86
N SER A 236 -18.15 18.97 5.38
CA SER A 236 -17.66 19.38 6.70
C SER A 236 -17.30 20.87 6.70
N MET A 237 -16.72 21.37 5.60
CA MET A 237 -16.38 22.80 5.48
C MET A 237 -17.65 23.65 5.49
N TYR A 238 -18.70 23.18 4.82
CA TYR A 238 -19.98 23.86 4.76
C TYR A 238 -20.65 23.84 6.15
N ALA A 239 -20.65 22.69 6.81
CA ALA A 239 -21.29 22.56 8.12
C ALA A 239 -20.55 23.33 9.21
N LEU A 240 -19.23 23.46 9.10
CA LEU A 240 -18.45 24.15 10.12
C LEU A 240 -18.36 25.65 9.90
N PHE A 241 -18.21 26.09 8.63
CA PHE A 241 -18.02 27.51 8.35
C PHE A 241 -19.24 28.23 7.77
N PHE A 242 -20.34 27.52 7.46
CA PHE A 242 -21.52 28.19 6.90
C PHE A 242 -22.82 27.81 7.61
N ALA A 243 -23.08 26.52 7.82
CA ALA A 243 -24.31 26.04 8.44
C ALA A 243 -24.35 26.27 9.96
N GLN A 244 -23.22 26.02 10.66
CA GLN A 244 -23.19 26.23 12.12
C GLN A 244 -23.28 27.73 12.47
N PRO A 245 -22.46 28.64 11.85
CA PRO A 245 -22.60 30.07 12.17
C PRO A 245 -23.96 30.64 11.79
N LYS A 246 -24.69 30.01 10.83
CA LYS A 246 -26.02 30.48 10.47
C LYS A 246 -27.01 30.10 11.55
N HIS A 247 -26.89 28.89 12.13
CA HIS A 247 -27.75 28.47 13.22
C HIS A 247 -27.56 29.39 14.43
N GLN A 248 -26.29 29.69 14.77
CA GLN A 248 -26.03 30.57 15.91
C GLN A 248 -26.54 31.98 15.62
N ALA A 249 -26.50 32.45 14.37
CA ALA A 249 -27.03 33.75 13.99
C ALA A 249 -28.54 33.78 14.11
N ILE A 250 -29.22 32.67 13.77
CA ILE A 250 -30.66 32.57 13.90
C ILE A 250 -31.03 32.54 15.39
N VAL A 251 -30.25 31.85 16.23
CA VAL A 251 -30.48 31.82 17.67
C VAL A 251 -30.30 33.24 18.26
N ASP A 252 -29.22 33.92 17.89
CA ASP A 252 -28.89 35.26 18.36
C ASP A 252 -29.88 36.32 17.88
N SER A 253 -30.33 36.24 16.62
CA SER A 253 -31.28 37.21 16.09
C SER A 253 -32.67 36.98 16.67
N ASN A 254 -33.03 35.73 16.98
CA ASN A 254 -34.33 35.40 17.59
C ASN A 254 -34.34 35.81 19.06
N ARG A 255 -33.17 35.82 19.74
CA ARG A 255 -33.05 36.26 21.12
C ARG A 255 -33.14 37.79 21.16
N ALA A 256 -32.45 38.47 20.23
CA ALA A 256 -32.47 39.92 20.17
C ALA A 256 -33.86 40.45 19.80
N PHE A 257 -34.62 39.69 18.99
CA PHE A 257 -35.96 40.12 18.60
C PHE A 257 -36.89 40.10 19.80
N LEU A 258 -36.79 39.06 20.63
CA LEU A 258 -37.63 38.96 21.83
C LEU A 258 -37.33 40.08 22.84
N ASN A 259 -36.09 40.60 22.84
CA ASN A 259 -35.67 41.68 23.71
C ASN A 259 -35.87 43.07 23.09
N LYS A 260 -36.64 43.16 21.99
CA LYS A 260 -36.94 44.41 21.26
C LYS A 260 -35.65 45.14 20.86
N GLN A 261 -34.60 44.38 20.50
CA GLN A 261 -33.32 44.91 20.06
C GLN A 261 -33.26 44.78 18.56
N TYR A 262 -34.11 45.54 17.88
CA TYR A 262 -34.32 45.49 16.43
C TYR A 262 -33.05 45.79 15.63
N SER A 263 -32.17 46.68 16.12
CA SER A 263 -30.93 46.98 15.41
C SER A 263 -29.96 45.80 15.49
N GLU A 264 -29.98 45.03 16.60
CA GLU A 264 -29.11 43.88 16.79
C GLU A 264 -29.53 42.74 15.86
N VAL A 265 -30.84 42.56 15.62
CA VAL A 265 -31.37 41.54 14.70
C VAL A 265 -30.83 41.79 13.30
N ILE A 266 -30.79 43.07 12.90
CA ILE A 266 -30.33 43.51 11.60
C ILE A 266 -28.86 43.20 11.42
N SER A 267 -28.03 43.54 12.40
CA SER A 267 -26.59 43.29 12.27
C SER A 267 -26.28 41.80 12.32
N THR A 268 -27.00 41.03 13.12
CA THR A 268 -26.74 39.60 13.25
C THR A 268 -27.02 38.87 11.93
N LEU A 269 -28.09 39.26 11.22
CA LEU A 269 -28.47 38.64 9.95
C LEU A 269 -28.03 39.47 8.73
N SER A 270 -27.13 40.45 8.90
CA SER A 270 -26.74 41.32 7.79
C SER A 270 -26.01 40.60 6.65
N LYS A 271 -25.21 39.58 6.98
CA LYS A 271 -24.47 38.85 5.94
C LYS A 271 -25.32 37.77 5.23
N TYR A 272 -26.60 37.60 5.61
CA TYR A 272 -27.45 36.59 4.99
C TYR A 272 -28.47 37.22 4.05
N ASP A 273 -28.74 36.54 2.93
CA ASP A 273 -29.76 36.96 1.98
C ASP A 273 -31.12 36.65 2.58
N ALA A 274 -32.10 37.54 2.36
CA ALA A 274 -33.45 37.38 2.90
C ALA A 274 -34.11 36.04 2.50
N GLU A 275 -33.92 35.61 1.24
CA GLU A 275 -34.52 34.35 0.77
C GLU A 275 -33.86 33.09 1.38
N SER A 276 -32.66 33.22 1.95
CA SER A 276 -32.00 32.08 2.58
C SER A 276 -32.53 31.86 4.02
N LEU A 277 -33.04 32.92 4.67
CA LEU A 277 -33.57 32.82 6.02
C LEU A 277 -34.98 32.22 6.03
N PRO A 278 -35.36 31.45 7.06
CA PRO A 278 -36.74 30.91 7.12
C PRO A 278 -37.80 32.02 7.22
N GLU A 279 -39.05 31.74 6.83
CA GLU A 279 -40.13 32.74 6.84
C GLU A 279 -40.33 33.42 8.21
N SER A 280 -40.21 32.66 9.32
CA SER A 280 -40.37 33.25 10.64
C SER A 280 -39.24 34.23 10.96
N VAL A 281 -38.02 33.90 10.50
CA VAL A 281 -36.85 34.75 10.67
C VAL A 281 -36.99 35.99 9.76
N GLN A 282 -37.55 35.83 8.56
CA GLN A 282 -37.82 36.93 7.62
C GLN A 282 -38.78 37.93 8.26
N TYR A 283 -39.81 37.43 8.97
CA TYR A 283 -40.79 38.26 9.67
C TYR A 283 -40.08 39.15 10.70
N GLN A 284 -39.22 38.54 11.53
CA GLN A 284 -38.52 39.27 12.58
C GLN A 284 -37.54 40.27 12.01
N LEU A 285 -36.91 39.95 10.88
CA LEU A 285 -35.96 40.86 10.26
C LEU A 285 -36.71 42.04 9.65
N ALA A 286 -37.87 41.79 9.01
CA ALA A 286 -38.68 42.85 8.41
C ALA A 286 -39.25 43.79 9.47
N THR A 287 -39.84 43.26 10.58
CA THR A 287 -40.36 44.14 11.64
C THR A 287 -39.23 44.93 12.28
N SER A 288 -37.99 44.39 12.31
CA SER A 288 -36.84 45.10 12.86
C SER A 288 -36.43 46.25 11.94
N TYR A 289 -36.50 46.03 10.61
CA TYR A 289 -36.20 47.09 9.64
C TYR A 289 -37.26 48.19 9.71
N VAL A 290 -38.55 47.79 9.90
CA VAL A 290 -39.69 48.69 10.04
C VAL A 290 -39.51 49.55 11.31
N GLU A 291 -39.09 48.91 12.41
CA GLU A 291 -38.85 49.58 13.68
C GLU A 291 -37.72 50.60 13.56
N VAL A 292 -36.58 50.17 12.98
CA VAL A 292 -35.36 50.98 12.80
C VAL A 292 -35.63 52.17 11.83
N GLU A 293 -36.54 51.98 10.86
CA GLU A 293 -36.91 53.04 9.91
C GLU A 293 -37.39 54.32 10.64
N ASN A 294 -37.94 54.16 11.85
CA ASN A 294 -38.38 55.25 12.72
C ASN A 294 -39.50 56.07 12.08
N LEU A 295 -40.48 55.37 11.51
CA LEU A 295 -41.67 56.01 10.95
C LEU A 295 -42.58 56.49 12.12
N GLY A 296 -43.74 57.05 11.81
CA GLY A 296 -44.67 57.51 12.84
C GLY A 296 -45.13 56.38 13.76
N SER A 297 -45.59 56.70 14.96
CA SER A 297 -46.09 55.70 15.90
C SER A 297 -47.30 54.98 15.31
N ALA A 298 -48.20 55.74 14.66
CA ALA A 298 -49.41 55.22 14.04
C ALA A 298 -49.06 54.52 12.73
N LYS A 299 -48.11 55.06 11.95
CA LYS A 299 -47.70 54.45 10.70
C LYS A 299 -47.05 53.07 10.94
N THR A 300 -46.22 52.97 12.00
CA THR A 300 -45.54 51.72 12.38
C THR A 300 -46.57 50.69 12.85
N LYS A 301 -47.58 51.14 13.62
CA LYS A 301 -48.66 50.27 14.11
C LYS A 301 -49.46 49.69 12.95
N ASN A 302 -49.67 50.46 11.89
CA ASN A 302 -50.39 49.98 10.72
C ASN A 302 -49.61 48.89 10.01
N ILE A 303 -48.30 49.06 9.86
CA ILE A 303 -47.46 48.08 9.19
C ILE A 303 -47.36 46.78 9.97
N GLU A 304 -47.02 46.86 11.26
CA GLU A 304 -46.80 45.68 12.10
C GLU A 304 -48.03 44.79 12.36
N ASN A 305 -49.27 45.33 12.31
CA ASN A 305 -50.43 44.46 12.54
C ASN A 305 -51.38 44.37 11.32
N ASN A 306 -50.97 44.90 10.15
CA ASN A 306 -51.80 44.79 8.95
C ASN A 306 -51.00 44.28 7.75
N LEU A 307 -49.70 44.62 7.67
CA LEU A 307 -48.89 44.21 6.52
C LEU A 307 -47.79 43.20 6.85
N VAL A 308 -46.97 43.45 7.89
CA VAL A 308 -45.89 42.55 8.25
C VAL A 308 -46.25 41.76 9.50
N THR A 309 -47.07 40.71 9.32
CA THR A 309 -47.51 39.82 10.39
C THR A 309 -47.01 38.39 10.16
N LEU A 310 -46.98 37.56 11.21
CA LEU A 310 -46.56 36.17 11.11
C LEU A 310 -47.39 35.34 10.11
N GLN A 311 -48.59 35.81 9.76
CA GLN A 311 -49.45 35.09 8.82
C GLN A 311 -49.58 35.77 7.46
N SER A 312 -48.78 36.81 7.19
CA SER A 312 -48.86 37.53 5.93
C SER A 312 -47.87 36.99 4.89
N ASP A 313 -48.13 37.32 3.61
CA ASP A 313 -47.33 36.95 2.43
C ASP A 313 -45.85 37.22 2.67
N PRO A 314 -44.97 36.21 2.53
CA PRO A 314 -43.54 36.46 2.76
C PRO A 314 -42.95 37.56 1.86
N GLN A 315 -43.66 37.98 0.80
CA GLN A 315 -43.24 39.08 -0.06
C GLN A 315 -43.19 40.40 0.73
N HIS A 316 -44.05 40.56 1.74
CA HIS A 316 -44.05 41.75 2.60
C HIS A 316 -42.74 41.82 3.40
N PHE A 317 -42.20 40.67 3.82
CA PHE A 317 -40.95 40.62 4.55
C PHE A 317 -39.79 40.98 3.64
N LEU A 318 -39.80 40.46 2.40
CA LEU A 318 -38.77 40.72 1.41
C LEU A 318 -38.75 42.20 1.04
N TYR A 319 -39.93 42.84 0.97
CA TYR A 319 -40.00 44.26 0.64
C TYR A 319 -39.27 45.11 1.69
N TRP A 320 -39.56 44.87 2.98
CA TRP A 320 -38.97 45.67 4.04
C TRP A 320 -37.50 45.37 4.28
N ILE A 321 -37.05 44.15 3.97
CA ILE A 321 -35.63 43.81 4.09
C ILE A 321 -34.89 44.51 2.94
N ASP A 322 -35.45 44.49 1.71
CA ASP A 322 -34.83 45.17 0.57
C ASP A 322 -34.80 46.67 0.81
N TYR A 323 -35.92 47.25 1.27
CA TYR A 323 -35.98 48.70 1.55
C TYR A 323 -35.00 49.07 2.66
N GLY A 324 -34.94 48.25 3.70
CA GLY A 324 -34.04 48.48 4.83
C GLY A 324 -32.57 48.32 4.51
N ARG A 325 -32.26 47.58 3.45
CA ARG A 325 -30.87 47.38 3.03
C ARG A 325 -30.45 48.29 1.87
N GLY A 326 -31.21 49.35 1.60
CA GLY A 326 -30.93 50.29 0.53
C GLY A 326 -31.12 49.74 -0.86
N GLU A 327 -31.82 48.60 -0.99
CA GLU A 327 -32.11 47.93 -2.25
C GLU A 327 -33.50 48.38 -2.71
N TYR A 328 -33.58 49.60 -3.24
CA TYR A 328 -34.84 50.21 -3.61
C TYR A 328 -35.36 49.71 -4.94
N LYS A 329 -34.51 49.51 -5.97
CA LYS A 329 -35.00 48.99 -7.26
C LYS A 329 -35.60 47.58 -7.09
N GLU A 330 -35.08 46.80 -6.14
CA GLU A 330 -35.56 45.46 -5.84
C GLU A 330 -36.88 45.52 -5.07
N ALA A 331 -36.99 46.47 -4.13
CA ALA A 331 -38.20 46.67 -3.33
C ALA A 331 -39.36 47.19 -4.19
N ILE A 332 -39.07 48.02 -5.20
CA ILE A 332 -40.10 48.57 -6.08
C ILE A 332 -40.76 47.44 -6.86
N SER A 333 -39.96 46.47 -7.36
CA SER A 333 -40.48 45.32 -8.11
C SER A 333 -41.40 44.44 -7.25
N ILE A 334 -41.08 44.32 -5.95
CA ILE A 334 -41.89 43.56 -5.00
C ILE A 334 -43.22 44.28 -4.74
N GLY A 335 -43.15 45.60 -4.60
CA GLY A 335 -44.33 46.44 -4.40
C GLY A 335 -45.27 46.37 -5.58
N ARG A 336 -44.72 46.27 -6.79
CA ARG A 336 -45.50 46.15 -8.02
C ARG A 336 -46.18 44.78 -8.11
N LYS A 337 -45.50 43.73 -7.61
CA LYS A 337 -46.01 42.35 -7.60
C LYS A 337 -47.21 42.22 -6.66
N LEU A 338 -47.11 42.82 -5.45
CA LEU A 338 -48.21 42.76 -4.47
C LEU A 338 -49.38 43.71 -4.80
N GLU A 339 -49.24 44.56 -5.84
CA GLU A 339 -50.22 45.57 -6.27
C GLU A 339 -50.52 46.60 -5.15
N TYR A 340 -49.56 46.81 -4.23
CA TYR A 340 -49.69 47.75 -3.14
C TYR A 340 -49.08 49.08 -3.57
N ASN A 341 -49.92 50.06 -3.91
CA ASN A 341 -49.46 51.35 -4.41
C ASN A 341 -48.65 52.14 -3.36
N ASP A 342 -48.91 51.92 -2.06
CA ASP A 342 -48.14 52.59 -1.02
C ASP A 342 -46.70 52.07 -0.98
N TYR A 343 -46.50 50.77 -1.24
CA TYR A 343 -45.16 50.17 -1.28
C TYR A 343 -44.37 50.72 -2.46
N ILE A 344 -45.03 50.95 -3.61
CA ILE A 344 -44.38 51.45 -4.81
C ILE A 344 -43.96 52.90 -4.61
N TYR A 345 -44.89 53.77 -4.18
CA TYR A 345 -44.64 55.20 -4.00
C TYR A 345 -43.61 55.48 -2.88
N PHE A 346 -43.65 54.72 -1.78
CA PHE A 346 -42.73 54.95 -0.67
C PHE A 346 -41.30 54.49 -1.02
N ALA A 347 -41.16 53.47 -1.87
CA ALA A 347 -39.84 53.00 -2.29
C ALA A 347 -39.30 53.84 -3.45
N LEU A 348 -40.20 54.38 -4.31
CA LEU A 348 -39.82 55.24 -5.43
C LEU A 348 -39.23 56.56 -4.93
N ALA A 349 -39.74 57.08 -3.81
CA ALA A 349 -39.24 58.33 -3.25
C ALA A 349 -37.79 58.18 -2.76
N LYS A 350 -37.49 57.02 -2.12
CA LYS A 350 -36.16 56.73 -1.60
C LYS A 350 -35.20 56.37 -2.75
N TYR A 351 -35.70 55.71 -3.80
CA TYR A 351 -34.91 55.35 -4.97
C TYR A 351 -34.46 56.61 -5.72
N LYS A 352 -35.33 57.64 -5.78
CA LYS A 352 -35.03 58.91 -6.44
C LYS A 352 -33.85 59.60 -5.78
N GLN A 353 -33.77 59.53 -4.44
CA GLN A 353 -32.67 60.13 -3.69
C GLN A 353 -31.39 59.32 -3.87
N GLN A 354 -31.50 57.99 -4.00
CA GLN A 354 -30.35 57.11 -4.23
C GLN A 354 -29.75 57.42 -5.61
N LEU A 355 -30.60 57.61 -6.62
CA LEU A 355 -30.16 57.93 -7.98
C LEU A 355 -29.58 59.34 -8.04
N LEU A 356 -30.13 60.27 -7.25
CA LEU A 356 -29.66 61.65 -7.17
C LEU A 356 -28.28 61.74 -6.49
N SER A 357 -27.90 60.75 -5.66
CA SER A 357 -26.57 60.73 -5.05
C SER A 357 -25.49 60.35 -6.09
N GLU A 358 -25.87 59.58 -7.14
CA GLU A 358 -24.97 59.26 -8.24
C GLU A 358 -24.82 60.49 -9.16
N ASP A 359 -23.72 60.56 -9.92
CA ASP A 359 -23.44 61.71 -10.77
C ASP A 359 -24.44 61.84 -11.94
N THR A 360 -24.62 63.07 -12.44
CA THR A 360 -25.52 63.33 -13.56
C THR A 360 -24.76 63.25 -14.91
N ASN A 361 -23.74 62.38 -14.99
CA ASN A 361 -22.97 62.12 -16.20
C ASN A 361 -22.99 60.60 -16.59
N ASP A 362 -23.80 59.79 -15.89
CA ASP A 362 -24.04 58.37 -16.13
C ASP A 362 -25.40 58.30 -16.76
N GLU A 363 -25.47 58.12 -18.09
CA GLU A 363 -26.74 58.14 -18.83
C GLU A 363 -27.74 57.07 -18.36
N ASP A 364 -27.25 55.97 -17.77
CA ASP A 364 -28.12 54.92 -17.23
C ASP A 364 -28.84 55.39 -15.96
N ILE A 365 -28.18 56.25 -15.17
CA ILE A 365 -28.74 56.80 -13.93
C ILE A 365 -29.82 57.85 -14.27
N GLN A 366 -29.56 58.68 -15.31
CA GLN A 366 -30.50 59.71 -15.76
C GLN A 366 -31.77 59.09 -16.35
N LYS A 367 -31.66 57.92 -17.00
CA LYS A 367 -32.81 57.22 -17.57
C LYS A 367 -33.65 56.60 -16.46
N GLU A 368 -33.01 56.07 -15.42
CA GLU A 368 -33.70 55.48 -14.28
C GLU A 368 -34.35 56.57 -13.43
N LEU A 369 -33.72 57.76 -13.32
CA LEU A 369 -34.28 58.88 -12.58
C LEU A 369 -35.49 59.49 -13.30
N ASP A 370 -35.51 59.43 -14.63
CA ASP A 370 -36.65 59.93 -15.41
C ASP A 370 -37.86 58.99 -15.30
N SER A 371 -37.62 57.70 -15.06
CA SER A 371 -38.69 56.71 -14.90
C SER A 371 -39.40 56.88 -13.54
N VAL A 372 -38.63 57.21 -12.51
CA VAL A 372 -39.13 57.38 -11.15
C VAL A 372 -39.98 58.66 -11.05
N ASN A 373 -39.47 59.79 -11.58
CA ASN A 373 -40.11 61.10 -11.51
C ASN A 373 -41.46 61.14 -12.21
N SER A 374 -41.65 60.32 -13.25
CA SER A 374 -42.91 60.29 -13.98
C SER A 374 -44.00 59.59 -13.17
N GLU A 375 -43.64 58.55 -12.40
CA GLU A 375 -44.61 57.81 -11.59
C GLU A 375 -44.99 58.57 -10.31
N LEU A 376 -44.10 59.41 -9.78
CA LEU A 376 -44.37 60.18 -8.57
C LEU A 376 -45.32 61.34 -8.85
N GLU A 377 -45.24 61.94 -10.05
CA GLU A 377 -46.13 63.02 -10.45
C GLU A 377 -47.50 62.49 -10.93
N LYS A 378 -47.58 61.20 -11.28
CA LYS A 378 -48.82 60.55 -11.72
C LYS A 378 -49.66 60.12 -10.52
N ALA A 379 -49.01 59.61 -9.47
CA ALA A 379 -49.71 59.17 -8.27
C ALA A 379 -50.14 60.34 -7.37
N GLN A 380 -49.44 61.49 -7.45
CA GLN A 380 -49.76 62.67 -6.64
C GLN A 380 -51.08 63.31 -7.10
N LYS A 381 -51.31 63.37 -8.41
CA LYS A 381 -52.54 63.95 -8.95
C LYS A 381 -53.73 62.96 -8.88
N GLU A 382 -53.47 61.66 -8.66
CA GLU A 382 -54.50 60.63 -8.58
C GLU A 382 -55.00 60.45 -7.15
N ARG A 383 -54.09 60.45 -6.17
CA ARG A 383 -54.45 60.28 -4.76
C ARG A 383 -55.12 61.54 -4.16
N GLN A 384 -54.91 62.72 -4.78
CA GLN A 384 -55.50 63.97 -4.30
C GLN A 384 -56.89 64.27 -4.91
N GLU A 385 -57.42 63.38 -5.78
CA GLU A 385 -58.72 63.62 -6.40
C GLU A 385 -59.74 62.54 -6.01
N ASN A 386 -59.31 61.27 -6.03
CA ASN A 386 -60.18 60.15 -5.68
C ASN A 386 -59.36 58.96 -5.17
N GLU B 4 31.52 -26.80 25.67
CA GLU B 4 31.76 -25.90 24.55
C GLU B 4 31.62 -26.64 23.22
N GLN B 5 30.38 -26.87 22.78
CA GLN B 5 30.06 -27.58 21.54
C GLN B 5 30.56 -26.81 20.30
N LYS B 6 31.31 -27.49 19.43
CA LYS B 6 31.86 -26.95 18.19
C LYS B 6 30.80 -27.04 17.02
N SER B 7 31.20 -26.80 15.75
CA SER B 7 30.25 -26.92 14.61
C SER B 7 30.19 -28.38 14.09
N TYR B 8 29.27 -28.71 13.14
CA TYR B 8 29.16 -30.07 12.62
C TYR B 8 30.47 -30.50 11.93
N LEU B 9 31.03 -29.61 11.09
CA LEU B 9 32.26 -29.86 10.35
C LEU B 9 33.42 -30.11 11.31
N GLU B 10 33.50 -29.32 12.38
CA GLU B 10 34.55 -29.46 13.37
C GLU B 10 34.46 -30.80 14.11
N ASN B 11 33.25 -31.24 14.51
CA ASN B 11 33.06 -32.50 15.24
C ASN B 11 33.30 -33.73 14.38
N GLN B 12 33.02 -33.64 13.09
CA GLN B 12 33.18 -34.78 12.19
C GLN B 12 34.64 -35.00 11.84
N LEU B 13 35.37 -33.93 11.53
CA LEU B 13 36.77 -34.04 11.13
C LEU B 13 37.76 -33.96 12.28
N GLU B 14 37.31 -33.53 13.49
CA GLU B 14 38.17 -33.32 14.66
C GLU B 14 39.21 -32.27 14.30
N ALA B 15 38.74 -31.15 13.75
CA ALA B 15 39.57 -30.04 13.30
C ALA B 15 38.97 -28.70 13.68
N VAL B 16 39.77 -27.63 13.72
CA VAL B 16 39.26 -26.31 14.03
C VAL B 16 39.10 -25.51 12.74
N ALA B 17 37.86 -25.11 12.42
CA ALA B 17 37.57 -24.35 11.21
C ALA B 17 37.41 -22.86 11.53
N GLU B 18 38.23 -22.02 10.87
CA GLU B 18 38.22 -20.56 11.06
C GLU B 18 38.40 -19.83 9.69
N LYS B 19 38.08 -18.53 9.65
CA LYS B 19 38.26 -17.75 8.42
C LYS B 19 39.14 -16.54 8.69
N THR B 20 40.39 -16.60 8.24
CA THR B 20 41.34 -15.50 8.39
C THR B 20 41.42 -14.72 7.04
N ASP B 21 42.31 -13.72 6.94
CA ASP B 21 42.47 -12.96 5.70
C ASP B 21 43.19 -13.83 4.63
N ALA B 22 44.06 -14.76 5.06
CA ALA B 22 44.77 -15.69 4.16
C ALA B 22 43.84 -16.75 3.53
N GLY B 23 42.69 -16.99 4.15
CA GLY B 23 41.73 -17.96 3.65
C GLY B 23 41.09 -18.79 4.74
N TYR B 24 40.34 -19.82 4.32
CA TYR B 24 39.67 -20.72 5.23
C TYR B 24 40.67 -21.71 5.80
N THR B 25 40.73 -21.77 7.13
CA THR B 25 41.63 -22.59 7.91
C THR B 25 40.92 -23.88 8.36
N PHE B 26 41.62 -25.01 8.23
CA PHE B 26 41.17 -26.33 8.67
C PHE B 26 42.36 -27.01 9.33
N THR B 27 42.56 -26.75 10.63
CA THR B 27 43.74 -27.29 11.33
C THR B 27 43.39 -28.56 12.13
N PHE B 28 44.12 -29.65 11.84
CA PHE B 28 44.02 -30.98 12.45
C PHE B 28 45.24 -31.28 13.34
N GLN B 29 45.17 -32.37 14.14
CA GLN B 29 46.32 -32.79 14.95
C GLN B 29 47.15 -33.77 14.13
N ARG B 30 48.49 -33.64 14.19
CA ARG B 30 49.43 -34.46 13.42
C ARG B 30 49.14 -35.96 13.53
N GLU B 31 48.77 -36.44 14.73
CA GLU B 31 48.46 -37.84 15.03
C GLU B 31 47.31 -38.39 14.20
N LYS B 32 46.30 -37.55 13.92
CA LYS B 32 45.14 -37.99 13.15
C LYS B 32 45.27 -37.74 11.64
N ILE B 33 46.49 -37.42 11.15
CA ILE B 33 46.76 -37.22 9.72
C ILE B 33 47.79 -38.25 9.27
N LYS B 34 47.39 -39.21 8.41
CA LYS B 34 48.30 -40.26 7.96
C LYS B 34 48.87 -39.97 6.57
N LEU B 35 50.20 -39.95 6.45
CA LEU B 35 50.88 -39.72 5.18
C LEU B 35 50.76 -40.93 4.26
N ALA B 41 49.46 -34.81 0.87
CA ALA B 41 48.07 -34.45 0.54
C ALA B 41 47.99 -33.49 -0.65
N ASN B 42 48.86 -33.69 -1.65
CA ASN B 42 48.89 -32.85 -2.85
C ASN B 42 47.68 -33.12 -3.78
N VAL B 43 46.92 -34.22 -3.57
CA VAL B 43 45.72 -34.57 -4.32
C VAL B 43 44.60 -33.54 -4.12
N ILE B 44 44.59 -32.88 -2.95
CA ILE B 44 43.66 -31.83 -2.57
C ILE B 44 43.73 -30.65 -3.59
N LYS B 45 44.85 -30.46 -4.30
CA LYS B 45 45.01 -29.41 -5.29
C LYS B 45 44.49 -29.80 -6.70
N ASP B 46 43.73 -30.90 -6.82
CA ASP B 46 43.23 -31.35 -8.13
C ASP B 46 41.74 -31.07 -8.35
N ILE B 47 41.01 -30.51 -7.36
CA ILE B 47 39.57 -30.26 -7.54
C ILE B 47 39.34 -28.83 -8.03
N ASN B 48 39.78 -27.84 -7.24
CA ASN B 48 39.59 -26.45 -7.62
C ASN B 48 40.95 -25.81 -7.74
N PRO B 49 41.58 -25.90 -8.92
CA PRO B 49 42.92 -25.33 -9.09
C PRO B 49 42.94 -23.80 -8.97
N PHE B 50 41.80 -23.15 -9.23
CA PHE B 50 41.60 -21.70 -9.10
C PHE B 50 41.67 -21.27 -7.60
N PHE B 51 41.37 -22.20 -6.67
CA PHE B 51 41.47 -21.96 -5.23
C PHE B 51 42.92 -22.15 -4.80
N HIS B 52 43.48 -21.18 -4.08
CA HIS B 52 44.84 -21.28 -3.58
C HIS B 52 44.86 -22.27 -2.41
N LYS B 53 45.56 -23.40 -2.54
CA LYS B 53 45.57 -24.40 -1.49
C LYS B 53 46.96 -24.66 -0.92
N GLU B 54 47.10 -24.54 0.40
CA GLU B 54 48.35 -24.77 1.11
C GLU B 54 48.18 -25.81 2.22
N ILE B 55 49.22 -26.59 2.50
CA ILE B 55 49.20 -27.57 3.57
C ILE B 55 50.45 -27.37 4.44
N ASP B 56 50.25 -27.01 5.72
CA ASP B 56 51.38 -26.79 6.62
C ASP B 56 51.51 -27.96 7.60
N VAL B 57 52.63 -28.69 7.54
CA VAL B 57 52.84 -29.81 8.44
C VAL B 57 53.83 -29.44 9.53
N THR B 58 53.31 -29.24 10.75
CA THR B 58 54.06 -28.85 11.96
C THR B 58 54.40 -30.13 12.79
N ASP B 59 55.17 -29.98 13.88
CA ASP B 59 55.54 -31.12 14.73
C ASP B 59 54.35 -31.65 15.58
N ASP B 60 53.16 -31.04 15.48
CA ASP B 60 51.97 -31.49 16.22
C ASP B 60 50.65 -30.97 15.60
N GLU B 61 50.69 -30.44 14.37
CA GLU B 61 49.50 -29.88 13.72
C GLU B 61 49.60 -29.87 12.20
N VAL B 62 48.48 -30.05 11.50
CA VAL B 62 48.45 -29.97 10.05
C VAL B 62 47.41 -28.93 9.68
N ILE B 63 47.84 -27.80 9.08
CA ILE B 63 46.92 -26.71 8.76
C ILE B 63 46.69 -26.58 7.26
N ILE B 64 45.46 -26.83 6.82
CA ILE B 64 45.09 -26.71 5.42
C ILE B 64 44.45 -25.33 5.19
N THR B 65 44.92 -24.58 4.19
CA THR B 65 44.40 -23.24 3.92
C THR B 65 43.87 -23.13 2.50
N ILE B 66 42.55 -22.98 2.36
CA ILE B 66 41.94 -22.86 1.05
C ILE B 66 41.47 -21.43 0.86
N GLN B 67 41.93 -20.78 -0.20
CA GLN B 67 41.57 -19.40 -0.48
C GLN B 67 40.86 -19.28 -1.83
N PRO B 68 39.52 -19.40 -1.84
CA PRO B 68 38.78 -19.22 -3.09
C PRO B 68 38.79 -17.77 -3.57
N PRO B 69 38.41 -17.48 -4.83
CA PRO B 69 38.40 -16.08 -5.30
C PRO B 69 37.55 -15.17 -4.42
N SER B 70 37.97 -13.91 -4.26
CA SER B 70 37.32 -12.92 -3.42
C SER B 70 35.80 -12.84 -3.61
N SER B 71 35.33 -12.91 -4.86
CA SER B 71 33.91 -12.85 -5.23
C SER B 71 33.08 -14.01 -4.69
N TYR B 72 33.71 -15.12 -4.30
CA TYR B 72 32.99 -16.28 -3.79
C TYR B 72 32.56 -16.03 -2.35
N LYS B 73 31.28 -16.24 -2.05
CA LYS B 73 30.75 -15.97 -0.72
C LYS B 73 30.42 -17.24 0.05
N ALA B 74 30.45 -17.17 1.39
CA ALA B 74 30.14 -18.29 2.26
C ALA B 74 28.64 -18.65 2.24
N PHE B 75 28.30 -19.89 2.59
CA PHE B 75 26.95 -20.44 2.61
C PHE B 75 25.92 -19.52 3.31
N ARG B 76 26.31 -18.84 4.40
CA ARG B 76 25.43 -17.95 5.17
C ARG B 76 24.83 -16.81 4.34
N PHE B 77 25.44 -16.49 3.18
CA PHE B 77 24.96 -15.40 2.33
C PHE B 77 23.87 -15.84 1.35
N MET B 78 23.40 -17.09 1.41
CA MET B 78 22.30 -17.53 0.57
C MET B 78 20.96 -17.10 1.17
N LYS B 79 20.86 -17.13 2.51
CA LYS B 79 19.67 -16.80 3.31
C LYS B 79 19.02 -15.46 2.94
N ALA B 80 19.82 -14.48 2.50
CA ALA B 80 19.30 -13.16 2.14
C ALA B 80 18.84 -13.05 0.66
N LYS B 81 19.09 -14.08 -0.16
CA LYS B 81 18.68 -14.08 -1.57
C LYS B 81 17.17 -14.42 -1.72
N ASP B 82 16.64 -14.37 -2.94
CA ASP B 82 15.24 -14.73 -3.20
C ASP B 82 15.09 -16.25 -3.28
N LYS B 83 13.86 -16.77 -3.10
CA LYS B 83 13.58 -18.20 -3.12
C LYS B 83 14.00 -18.86 -4.43
N LYS B 84 13.85 -18.16 -5.57
CA LYS B 84 14.22 -18.73 -6.85
C LYS B 84 15.74 -19.01 -6.90
N SER B 85 16.56 -18.09 -6.35
CA SER B 85 18.01 -18.27 -6.31
C SER B 85 18.39 -19.41 -5.39
N LYS B 86 17.69 -19.53 -4.24
CA LYS B 86 17.89 -20.61 -3.25
C LYS B 86 17.60 -21.96 -3.86
N TRP B 87 16.57 -22.06 -4.71
CA TRP B 87 16.25 -23.33 -5.37
C TRP B 87 17.31 -23.68 -6.40
N GLN B 88 17.77 -22.69 -7.17
CA GLN B 88 18.80 -22.89 -8.19
C GLN B 88 20.14 -23.31 -7.57
N PHE B 89 20.45 -22.75 -6.39
CA PHE B 89 21.66 -23.10 -5.65
C PHE B 89 21.54 -24.56 -5.18
N ALA B 90 20.38 -24.94 -4.64
CA ALA B 90 20.14 -26.31 -4.17
C ALA B 90 20.29 -27.29 -5.32
N TYR B 91 19.78 -26.94 -6.51
CA TYR B 91 19.89 -27.79 -7.70
C TYR B 91 21.35 -28.05 -8.04
N GLN B 92 22.16 -27.00 -8.08
CA GLN B 92 23.57 -27.10 -8.38
C GLN B 92 24.37 -27.75 -7.24
N LEU B 93 23.87 -27.70 -6.00
CA LEU B 93 24.55 -28.33 -4.87
C LEU B 93 24.41 -29.85 -4.99
N VAL B 94 23.21 -30.34 -5.34
CA VAL B 94 22.91 -31.76 -5.55
C VAL B 94 23.75 -32.29 -6.71
N GLN B 95 23.89 -31.50 -7.77
CA GLN B 95 24.68 -31.85 -8.95
C GLN B 95 26.16 -31.94 -8.63
N ALA B 96 26.68 -31.04 -7.80
CA ALA B 96 28.10 -31.06 -7.44
C ALA B 96 28.46 -32.33 -6.70
N VAL B 97 27.58 -32.79 -5.81
CA VAL B 97 27.77 -34.00 -5.03
C VAL B 97 27.64 -35.23 -5.92
N GLN B 98 26.62 -35.24 -6.80
CA GLN B 98 26.35 -36.30 -7.76
C GLN B 98 27.49 -36.47 -8.78
N GLN B 99 28.10 -35.35 -9.18
CA GLN B 99 29.16 -35.36 -10.19
C GLN B 99 30.57 -35.57 -9.60
N HIS B 100 30.71 -35.70 -8.28
CA HIS B 100 32.01 -35.91 -7.66
C HIS B 100 32.53 -37.30 -8.05
N ASN B 101 33.66 -37.37 -8.75
CA ASN B 101 34.20 -38.64 -9.23
C ASN B 101 35.63 -38.95 -8.73
N LEU B 102 36.36 -37.93 -8.20
CA LEU B 102 37.73 -38.09 -7.72
C LEU B 102 37.83 -39.10 -6.57
N SER B 103 38.32 -40.31 -6.89
CA SER B 103 38.42 -41.50 -6.04
C SER B 103 39.13 -41.26 -4.68
N ARG B 104 40.31 -40.63 -4.68
CA ARG B 104 41.04 -40.39 -3.43
C ARG B 104 40.46 -39.23 -2.61
N LEU B 105 39.51 -38.46 -3.16
CA LEU B 105 38.93 -37.33 -2.43
C LEU B 105 37.52 -37.65 -1.96
N ASN B 106 37.26 -37.35 -0.70
CA ASN B 106 35.99 -37.66 -0.05
C ASN B 106 35.24 -36.41 0.35
N LEU B 107 33.93 -36.42 0.16
CA LEU B 107 33.08 -35.26 0.47
C LEU B 107 32.64 -35.16 1.92
N ILE B 108 32.31 -33.93 2.33
CA ILE B 108 31.69 -33.58 3.59
C ILE B 108 30.78 -32.37 3.27
N VAL B 109 29.48 -32.64 3.04
CA VAL B 109 28.53 -31.61 2.63
C VAL B 109 28.01 -30.86 3.86
N ALA B 110 28.81 -29.93 4.37
CA ALA B 110 28.44 -29.13 5.54
C ALA B 110 28.39 -27.65 5.15
N PRO B 111 27.49 -26.86 5.75
CA PRO B 111 27.40 -25.43 5.39
C PRO B 111 28.70 -24.66 5.61
N GLU B 112 29.40 -24.89 6.73
CA GLU B 112 30.69 -24.21 6.98
C GLU B 112 31.82 -24.72 6.04
N ASN B 113 31.48 -25.56 5.06
CA ASN B 113 32.43 -26.09 4.08
C ASN B 113 32.05 -25.68 2.64
N ILE B 114 30.97 -24.90 2.44
CA ILE B 114 30.52 -24.52 1.11
C ILE B 114 30.62 -23.02 0.89
N VAL B 115 31.10 -22.65 -0.29
CA VAL B 115 31.15 -21.28 -0.81
C VAL B 115 30.43 -21.30 -2.16
N PHE B 116 30.02 -20.14 -2.68
CA PHE B 116 29.35 -20.08 -3.98
C PHE B 116 29.78 -18.84 -4.76
N ASP B 117 29.72 -18.91 -6.09
CA ASP B 117 30.13 -17.79 -6.94
C ASP B 117 28.91 -16.96 -7.42
N LYS B 118 29.13 -15.95 -8.29
CA LYS B 118 28.07 -15.09 -8.83
C LYS B 118 26.98 -15.87 -9.60
N GLY B 119 27.34 -17.02 -10.15
CA GLY B 119 26.40 -17.88 -10.87
C GLY B 119 25.68 -18.86 -9.98
N LEU B 120 25.79 -18.70 -8.64
CA LEU B 120 25.18 -19.50 -7.57
C LEU B 120 25.71 -20.93 -7.55
N THR B 121 26.88 -21.20 -8.11
CA THR B 121 27.47 -22.54 -8.12
C THR B 121 28.17 -22.80 -6.80
N PRO B 122 27.89 -23.94 -6.14
CA PRO B 122 28.56 -24.23 -4.88
C PRO B 122 29.89 -24.97 -5.06
N TYR B 123 30.81 -24.75 -4.12
CA TYR B 123 32.14 -25.35 -4.09
C TYR B 123 32.48 -25.79 -2.69
N PHE B 124 33.17 -26.91 -2.54
CA PHE B 124 33.57 -27.40 -1.23
C PHE B 124 35.00 -26.97 -0.93
N LEU B 125 35.23 -26.43 0.28
CA LEU B 125 36.55 -25.94 0.66
C LEU B 125 37.49 -27.10 1.01
N HIS B 126 37.13 -27.91 1.99
CA HIS B 126 37.93 -29.03 2.43
C HIS B 126 37.41 -30.36 1.88
N TYR B 127 38.35 -31.19 1.43
CA TYR B 127 38.09 -32.53 0.94
C TYR B 127 38.92 -33.51 1.75
N GLY B 128 38.31 -34.64 2.11
CA GLY B 128 39.04 -35.68 2.81
C GLY B 128 39.91 -36.45 1.84
N VAL B 129 40.99 -37.08 2.34
CA VAL B 129 41.87 -37.87 1.49
C VAL B 129 41.80 -39.32 1.95
N LYS B 130 41.66 -40.27 1.00
CA LYS B 130 41.53 -41.70 1.28
C LYS B 130 42.61 -42.19 2.23
N GLU B 131 42.18 -42.60 3.44
CA GLU B 131 43.01 -43.12 4.53
C GLU B 131 44.09 -42.13 4.93
N SER B 132 43.84 -40.83 4.81
CA SER B 132 44.84 -39.81 5.11
C SER B 132 44.26 -38.64 5.94
N ILE B 133 43.28 -37.90 5.40
CA ILE B 133 42.69 -36.76 6.08
C ILE B 133 41.19 -36.96 6.18
N PRO B 134 40.60 -36.83 7.39
CA PRO B 134 39.15 -37.04 7.51
C PRO B 134 38.31 -36.14 6.62
N PRO B 135 37.24 -36.67 6.00
CA PRO B 135 36.75 -38.07 6.10
C PRO B 135 37.70 -39.05 5.42
N TYR B 136 38.29 -39.98 6.19
CA TYR B 136 39.24 -40.95 5.68
C TYR B 136 38.65 -41.85 4.61
N GLU B 137 37.41 -42.31 4.80
CA GLU B 137 36.75 -43.19 3.83
C GLU B 137 35.45 -42.58 3.31
N ARG B 138 34.97 -43.08 2.16
CA ARG B 138 33.71 -42.61 1.58
C ARG B 138 32.55 -43.12 2.39
N ASP B 139 31.53 -42.29 2.57
CA ASP B 139 30.31 -42.69 3.25
C ASP B 139 29.15 -42.05 2.51
N GLU B 140 28.69 -42.78 1.50
CA GLU B 140 27.61 -42.41 0.59
C GLU B 140 26.31 -42.10 1.33
N GLU B 141 26.01 -42.84 2.40
CA GLU B 141 24.79 -42.65 3.18
C GLU B 141 24.87 -41.37 4.00
N ARG B 142 26.03 -41.08 4.62
CA ARG B 142 26.22 -39.86 5.40
C ARG B 142 26.19 -38.64 4.49
N VAL B 143 26.80 -38.75 3.30
CA VAL B 143 26.86 -37.70 2.30
C VAL B 143 25.44 -37.40 1.77
N TRP B 144 24.62 -38.44 1.59
CA TRP B 144 23.25 -38.26 1.11
C TRP B 144 22.40 -37.50 2.11
N GLN B 145 22.60 -37.77 3.40
CA GLN B 145 21.86 -37.07 4.46
C GLN B 145 22.40 -35.67 4.67
N GLU B 146 23.70 -35.46 4.50
CA GLU B 146 24.31 -34.13 4.61
C GLU B 146 23.78 -33.24 3.51
N LEU B 147 23.71 -33.76 2.28
CA LEU B 147 23.24 -33.02 1.11
C LEU B 147 21.78 -32.57 1.27
N LYS B 148 20.88 -33.46 1.69
CA LYS B 148 19.47 -33.10 1.86
C LYS B 148 19.28 -32.08 2.98
N ALA B 149 20.13 -32.13 4.02
CA ALA B 149 20.05 -31.17 5.11
C ALA B 149 20.60 -29.82 4.68
N ALA B 150 21.65 -29.80 3.85
CA ALA B 150 22.22 -28.55 3.35
C ALA B 150 21.25 -27.89 2.38
N ALA B 151 20.59 -28.68 1.53
CA ALA B 151 19.61 -28.17 0.58
C ALA B 151 18.40 -27.61 1.31
N ALA B 152 17.96 -28.29 2.37
CA ALA B 152 16.82 -27.84 3.15
C ALA B 152 17.17 -26.59 3.95
N LEU B 153 18.41 -26.50 4.45
CA LEU B 153 18.85 -25.31 5.20
C LEU B 153 18.91 -24.10 4.28
N ALA B 154 19.42 -24.29 3.04
CA ALA B 154 19.54 -23.21 2.07
C ALA B 154 18.20 -22.74 1.54
N VAL B 155 17.25 -23.66 1.35
CA VAL B 155 15.93 -23.33 0.82
C VAL B 155 14.96 -22.87 1.94
N ASP B 156 14.68 -23.72 2.94
CA ASP B 156 13.77 -23.37 4.03
C ASP B 156 14.40 -22.34 4.99
N GLY B 157 15.47 -22.72 5.68
CA GLY B 157 16.14 -21.82 6.61
C GLY B 157 15.45 -21.56 7.92
N ALA B 158 14.37 -22.29 8.21
CA ALA B 158 13.63 -22.14 9.46
C ALA B 158 14.37 -22.75 10.66
N PHE B 159 15.21 -23.76 10.42
CA PHE B 159 15.98 -24.41 11.47
C PHE B 159 17.49 -24.49 11.12
N ALA B 160 18.32 -25.03 12.04
CA ALA B 160 19.75 -25.16 11.81
C ALA B 160 20.07 -26.47 11.07
N PHE B 161 21.26 -26.59 10.45
CA PHE B 161 21.70 -27.76 9.70
C PHE B 161 21.52 -29.07 10.49
N GLU B 162 21.89 -29.08 11.78
CA GLU B 162 21.77 -30.28 12.61
C GLU B 162 20.32 -30.72 12.80
N ASP B 163 19.35 -29.79 12.74
CA ASP B 163 17.94 -30.13 12.88
C ASP B 163 17.46 -30.93 11.67
N TYR B 164 17.80 -30.50 10.46
CA TYR B 164 17.42 -31.20 9.25
C TYR B 164 18.15 -32.53 9.13
N LEU B 165 19.43 -32.55 9.52
CA LEU B 165 20.28 -33.73 9.42
C LEU B 165 19.90 -34.81 10.45
N LYS B 166 19.32 -34.39 11.61
CA LYS B 166 18.87 -35.27 12.70
C LYS B 166 18.07 -36.46 12.19
N PHE B 167 17.31 -36.28 11.08
CA PHE B 167 16.51 -37.31 10.42
C PHE B 167 15.64 -38.11 11.42
N ASN B 168 15.01 -37.38 12.34
CA ASN B 168 14.16 -38.00 13.35
C ASN B 168 12.73 -37.46 13.25
N GLU B 169 11.76 -38.30 13.62
CA GLU B 169 10.34 -37.96 13.61
C GLU B 169 10.00 -37.19 14.88
N THR B 170 10.68 -36.05 15.08
CA THR B 170 10.50 -35.25 16.28
C THR B 170 10.13 -33.81 15.95
N LEU B 171 10.74 -33.25 14.89
CA LEU B 171 10.51 -31.87 14.50
C LEU B 171 9.49 -31.72 13.37
N THR B 172 8.48 -30.87 13.61
CA THR B 172 7.44 -30.55 12.63
C THR B 172 8.03 -29.68 11.53
N PHE B 173 8.58 -30.30 10.48
CA PHE B 173 9.22 -29.58 9.37
C PHE B 173 8.22 -28.93 8.41
N SER B 174 8.71 -27.98 7.60
CA SER B 174 7.95 -27.29 6.55
C SER B 174 7.63 -28.25 5.41
N ALA B 175 6.64 -27.92 4.57
CA ALA B 175 6.27 -28.78 3.44
C ALA B 175 7.41 -28.86 2.41
N GLU B 176 8.14 -27.76 2.22
CA GLU B 176 9.26 -27.74 1.30
C GLU B 176 10.44 -28.51 1.88
N ALA B 177 10.74 -28.28 3.18
CA ALA B 177 11.83 -28.95 3.87
C ALA B 177 11.61 -30.45 3.93
N LYS B 178 10.37 -30.88 4.14
CA LYS B 178 10.05 -32.31 4.19
C LYS B 178 10.22 -32.94 2.81
N ALA B 179 9.88 -32.22 1.74
CA ALA B 179 10.01 -32.75 0.38
C ALA B 179 11.47 -33.00 0.03
N ILE B 180 12.37 -32.09 0.44
CA ILE B 180 13.80 -32.22 0.19
C ILE B 180 14.39 -33.36 1.01
N LEU B 181 14.07 -33.41 2.30
CA LEU B 181 14.58 -34.43 3.20
C LEU B 181 13.99 -35.82 2.95
N ASP B 182 12.83 -35.91 2.27
CA ASP B 182 12.22 -37.22 1.98
C ASP B 182 12.57 -37.75 0.58
N ALA B 183 13.54 -37.12 -0.12
CA ALA B 183 13.95 -37.59 -1.45
C ALA B 183 14.60 -38.97 -1.33
N GLU B 184 14.24 -39.91 -2.21
CA GLU B 184 14.80 -41.25 -2.15
C GLU B 184 15.99 -41.47 -3.10
N SER B 185 16.24 -40.55 -4.03
CA SER B 185 17.34 -40.66 -4.97
C SER B 185 17.76 -39.28 -5.51
N TYR B 186 18.94 -39.20 -6.17
CA TYR B 186 19.45 -37.95 -6.71
C TYR B 186 18.53 -37.41 -7.80
N ASP B 187 18.03 -38.28 -8.69
CA ASP B 187 17.13 -37.83 -9.75
C ASP B 187 15.77 -37.39 -9.18
N ASP B 188 15.29 -38.06 -8.13
CA ASP B 188 14.04 -37.67 -7.46
C ASP B 188 14.17 -36.28 -6.85
N LEU B 189 15.35 -35.94 -6.33
CA LEU B 189 15.65 -34.68 -5.69
C LEU B 189 15.86 -33.57 -6.71
N LEU B 190 16.54 -33.85 -7.84
CA LEU B 190 16.77 -32.84 -8.86
C LEU B 190 15.44 -32.41 -9.46
N GLU B 191 14.60 -33.39 -9.82
CA GLU B 191 13.29 -33.11 -10.40
C GLU B 191 12.37 -32.39 -9.42
N LEU B 192 12.49 -32.71 -8.13
CA LEU B 192 11.74 -32.08 -7.05
C LEU B 192 12.04 -30.57 -7.02
N ILE B 193 13.32 -30.20 -7.14
CA ILE B 193 13.77 -28.82 -7.19
C ILE B 193 13.29 -28.14 -8.47
N GLN B 194 13.38 -28.83 -9.62
CA GLN B 194 12.91 -28.33 -10.92
C GLN B 194 11.43 -27.94 -10.88
N THR B 195 10.54 -28.79 -10.33
CA THR B 195 9.10 -28.44 -10.28
C THR B 195 8.89 -27.24 -9.35
N HIS B 196 9.71 -27.08 -8.31
CA HIS B 196 9.60 -25.92 -7.42
C HIS B 196 10.06 -24.66 -8.16
N ILE B 197 11.07 -24.76 -9.03
CA ILE B 197 11.56 -23.65 -9.83
C ILE B 197 10.46 -23.26 -10.83
N ASP B 198 9.88 -24.26 -11.49
CA ASP B 198 8.81 -24.05 -12.47
C ASP B 198 7.56 -23.44 -11.83
N GLU B 199 7.25 -23.84 -10.60
CA GLU B 199 6.09 -23.32 -9.89
C GLU B 199 6.32 -21.89 -9.40
N LEU B 200 7.57 -21.53 -9.10
CA LEU B 200 7.92 -20.17 -8.72
C LEU B 200 7.81 -19.24 -9.93
N GLU B 201 8.22 -19.71 -11.13
CA GLU B 201 8.15 -18.91 -12.35
C GLU B 201 6.71 -18.62 -12.76
N ALA B 202 5.83 -19.61 -12.56
CA ALA B 202 4.41 -19.48 -12.87
C ALA B 202 3.72 -18.47 -11.90
N LYS B 203 4.11 -18.54 -10.63
CA LYS B 203 3.58 -17.64 -9.61
C LYS B 203 4.06 -16.22 -9.89
N ALA B 204 5.34 -16.06 -10.28
CA ALA B 204 5.95 -14.76 -10.61
C ALA B 204 5.22 -14.03 -11.74
N LYS B 205 4.57 -14.80 -12.66
CA LYS B 205 3.82 -14.25 -13.78
C LYS B 205 2.59 -13.44 -13.32
N THR B 206 1.99 -13.84 -12.20
CA THR B 206 0.82 -13.17 -11.65
C THR B 206 1.19 -12.00 -10.70
N TYR B 207 2.44 -11.54 -10.72
CA TYR B 207 2.90 -10.50 -9.81
C TYR B 207 3.29 -9.23 -10.53
N ILE B 208 3.10 -8.08 -9.85
CA ILE B 208 3.53 -6.76 -10.31
C ILE B 208 4.73 -6.35 -9.45
N HIS B 209 5.65 -5.58 -10.01
CA HIS B 209 6.87 -5.20 -9.28
C HIS B 209 6.95 -3.69 -9.14
N ILE B 210 6.71 -3.20 -7.92
CA ILE B 210 6.70 -1.78 -7.59
C ILE B 210 7.91 -1.42 -6.78
N PRO B 211 8.59 -0.29 -7.07
CA PRO B 211 9.74 0.08 -6.23
C PRO B 211 9.27 0.35 -4.81
N ARG B 212 9.95 -0.24 -3.81
CA ARG B 212 9.60 -0.14 -2.40
C ARG B 212 9.36 1.29 -1.94
N LYS B 213 10.11 2.27 -2.48
CA LYS B 213 9.93 3.67 -2.13
C LYS B 213 8.58 4.19 -2.64
N LYS B 214 8.19 3.82 -3.87
CA LYS B 214 6.92 4.25 -4.43
C LYS B 214 5.76 3.60 -3.68
N TRP B 215 5.89 2.31 -3.38
CA TRP B 215 4.84 1.59 -2.67
C TRP B 215 4.69 2.08 -1.23
N ASN B 216 5.80 2.49 -0.58
CA ASN B 216 5.75 3.02 0.79
C ASN B 216 5.14 4.41 0.85
N ILE B 217 5.41 5.26 -0.15
CA ILE B 217 4.87 6.61 -0.19
C ILE B 217 3.35 6.55 -0.32
N GLN B 218 2.81 5.72 -1.24
CA GLN B 218 1.36 5.64 -1.40
C GLN B 218 0.68 4.92 -0.23
N ARG B 219 1.41 4.10 0.55
CA ARG B 219 0.85 3.48 1.75
C ARG B 219 0.64 4.52 2.84
N TYR B 220 1.60 5.44 3.02
CA TYR B 220 1.43 6.50 4.02
C TYR B 220 0.38 7.52 3.54
N ILE B 221 0.26 7.74 2.21
CA ILE B 221 -0.76 8.61 1.63
C ILE B 221 -2.12 8.00 1.92
N GLY B 222 -2.27 6.71 1.64
CA GLY B 222 -3.49 5.97 1.87
C GLY B 222 -3.89 5.92 3.33
N LEU B 223 -2.92 5.74 4.23
CA LEU B 223 -3.18 5.73 5.67
C LEU B 223 -3.53 7.16 6.18
N GLY B 224 -2.94 8.18 5.56
CA GLY B 224 -3.25 9.58 5.85
C GLY B 224 -4.67 9.93 5.42
N LEU B 225 -5.15 9.31 4.33
CA LEU B 225 -6.52 9.51 3.85
C LEU B 225 -7.51 8.91 4.84
N ILE B 226 -7.19 7.76 5.45
CA ILE B 226 -8.06 7.09 6.41
C ILE B 226 -8.15 7.91 7.69
N VAL B 227 -7.01 8.39 8.23
CA VAL B 227 -7.04 9.22 9.44
C VAL B 227 -7.71 10.61 9.20
N LEU B 228 -7.89 10.99 7.93
CA LEU B 228 -8.56 12.24 7.56
C LEU B 228 -10.06 12.02 7.26
N LEU B 229 -10.43 10.80 6.83
CA LEU B 229 -11.80 10.43 6.48
C LEU B 229 -12.63 10.09 7.70
N VAL B 230 -12.05 9.47 8.75
CA VAL B 230 -12.82 9.11 9.94
C VAL B 230 -13.35 10.37 10.67
N PRO B 231 -12.58 11.47 10.86
CA PRO B 231 -13.17 12.65 11.52
C PRO B 231 -14.16 13.37 10.59
N ALA B 232 -13.88 13.39 9.28
CA ALA B 232 -14.76 14.07 8.31
C ALA B 232 -16.09 13.36 8.19
N LEU B 233 -16.10 12.02 8.24
CA LEU B 233 -17.34 11.26 8.14
C LEU B 233 -18.13 11.40 9.43
N ILE B 234 -17.47 11.27 10.59
CA ILE B 234 -18.11 11.40 11.89
C ILE B 234 -18.71 12.80 12.06
N TYR B 235 -18.00 13.87 11.64
CA TYR B 235 -18.54 15.21 11.75
C TYR B 235 -19.71 15.41 10.80
N SER B 236 -19.63 14.85 9.59
CA SER B 236 -20.71 14.97 8.62
C SER B 236 -21.97 14.27 9.13
N MET B 237 -21.81 13.11 9.79
CA MET B 237 -22.94 12.37 10.35
C MET B 237 -23.62 13.18 11.45
N TYR B 238 -22.82 13.86 12.28
CA TYR B 238 -23.31 14.70 13.36
C TYR B 238 -24.04 15.91 12.77
N ALA B 239 -23.46 16.56 11.77
CA ALA B 239 -24.05 17.76 11.17
C ALA B 239 -25.32 17.45 10.39
N LEU B 240 -25.41 16.27 9.78
CA LEU B 240 -26.58 15.92 8.98
C LEU B 240 -27.71 15.31 9.81
N PHE B 241 -27.37 14.45 10.79
CA PHE B 241 -28.40 13.74 11.56
C PHE B 241 -28.64 14.27 12.99
N PHE B 242 -27.84 15.24 13.48
CA PHE B 242 -28.04 15.75 14.84
C PHE B 242 -28.10 17.28 14.90
N ALA B 243 -27.12 17.96 14.28
CA ALA B 243 -27.03 19.42 14.31
C ALA B 243 -28.06 20.09 13.40
N GLN B 244 -28.29 19.56 12.19
CA GLN B 244 -29.28 20.17 11.29
C GLN B 244 -30.71 19.98 11.82
N PRO B 245 -31.16 18.76 12.24
CA PRO B 245 -32.52 18.63 12.79
C PRO B 245 -32.73 19.44 14.07
N LYS B 246 -31.65 19.75 14.82
CA LYS B 246 -31.79 20.57 16.02
C LYS B 246 -32.00 22.03 15.62
N HIS B 247 -31.30 22.51 14.57
CA HIS B 247 -31.48 23.88 14.08
C HIS B 247 -32.90 24.05 13.58
N GLN B 248 -33.43 23.09 12.81
CA GLN B 248 -34.79 23.18 12.32
C GLN B 248 -35.79 23.15 13.47
N ALA B 249 -35.50 22.38 14.54
CA ALA B 249 -36.37 22.34 15.72
C ALA B 249 -36.35 23.67 16.45
N ILE B 250 -35.19 24.34 16.51
CA ILE B 250 -35.06 25.65 17.15
C ILE B 250 -35.81 26.69 16.29
N VAL B 251 -35.75 26.59 14.96
CA VAL B 251 -36.48 27.49 14.06
C VAL B 251 -37.98 27.28 14.24
N ASP B 252 -38.44 26.02 14.27
CA ASP B 252 -39.85 25.66 14.40
C ASP B 252 -40.43 26.02 15.77
N SER B 253 -39.68 25.82 16.87
CA SER B 253 -40.21 26.19 18.19
C SER B 253 -40.17 27.71 18.38
N ASN B 254 -39.21 28.42 17.76
CA ASN B 254 -39.15 29.88 17.86
C ASN B 254 -40.27 30.51 17.01
N ARG B 255 -40.73 29.83 15.94
CA ARG B 255 -41.85 30.29 15.12
C ARG B 255 -43.15 30.05 15.88
N ALA B 256 -43.29 28.87 16.48
CA ALA B 256 -44.48 28.53 17.25
C ALA B 256 -44.62 29.41 18.50
N PHE B 257 -43.49 29.84 19.09
CA PHE B 257 -43.53 30.68 20.27
C PHE B 257 -44.08 32.06 19.92
N LEU B 258 -43.65 32.61 18.78
CA LEU B 258 -44.13 33.92 18.34
C LEU B 258 -45.63 33.91 18.03
N ASN B 259 -46.17 32.75 17.61
CA ASN B 259 -47.58 32.57 17.31
C ASN B 259 -48.40 32.13 18.52
N LYS B 260 -47.85 32.23 19.74
CA LYS B 260 -48.49 31.84 20.99
C LYS B 260 -49.00 30.39 20.94
N GLN B 261 -48.26 29.49 20.28
CA GLN B 261 -48.58 28.08 20.17
C GLN B 261 -47.67 27.33 21.13
N TYR B 262 -47.89 27.56 22.41
CA TYR B 262 -47.07 27.06 23.51
C TYR B 262 -47.00 25.52 23.56
N SER B 263 -48.07 24.82 23.19
CA SER B 263 -48.06 23.36 23.17
C SER B 263 -47.17 22.83 22.03
N GLU B 264 -47.11 23.55 20.91
CA GLU B 264 -46.29 23.17 19.76
C GLU B 264 -44.80 23.32 20.07
N VAL B 265 -44.43 24.36 20.84
CA VAL B 265 -43.05 24.59 21.28
C VAL B 265 -42.56 23.40 22.11
N ILE B 266 -43.43 22.89 22.98
CA ILE B 266 -43.15 21.77 23.86
C ILE B 266 -42.91 20.49 23.05
N SER B 267 -43.77 20.22 22.08
CA SER B 267 -43.63 18.99 21.28
C SER B 267 -42.47 19.06 20.28
N THR B 268 -42.09 20.26 19.85
CA THR B 268 -40.97 20.42 18.92
C THR B 268 -39.63 20.17 19.63
N LEU B 269 -39.51 20.65 20.87
CA LEU B 269 -38.29 20.48 21.66
C LEU B 269 -38.37 19.33 22.67
N SER B 270 -39.37 18.43 22.55
CA SER B 270 -39.56 17.36 23.52
C SER B 270 -38.40 16.34 23.54
N LYS B 271 -37.76 16.08 22.39
CA LYS B 271 -36.66 15.11 22.35
C LYS B 271 -35.30 15.72 22.79
N TYR B 272 -35.26 17.02 23.14
CA TYR B 272 -34.01 17.66 23.56
C TYR B 272 -33.97 17.91 25.05
N ASP B 273 -32.81 17.75 25.66
CA ASP B 273 -32.62 18.05 27.08
C ASP B 273 -32.57 19.56 27.27
N ALA B 274 -33.15 20.08 28.36
CA ALA B 274 -33.19 21.51 28.63
C ALA B 274 -31.81 22.17 28.62
N GLU B 275 -30.79 21.52 29.19
CA GLU B 275 -29.44 22.07 29.24
C GLU B 275 -28.73 22.09 27.87
N SER B 276 -29.22 21.31 26.89
CA SER B 276 -28.62 21.32 25.55
C SER B 276 -29.14 22.52 24.73
N LEU B 277 -30.35 23.03 25.03
CA LEU B 277 -30.93 24.17 24.33
C LEU B 277 -30.31 25.49 24.78
N PRO B 278 -30.17 26.49 23.88
CA PRO B 278 -29.63 27.79 24.31
C PRO B 278 -30.55 28.49 25.33
N GLU B 279 -30.00 29.42 26.15
CA GLU B 279 -30.78 30.11 27.18
C GLU B 279 -32.04 30.80 26.64
N SER B 280 -31.98 31.42 25.44
CA SER B 280 -33.16 32.07 24.86
C SER B 280 -34.24 31.03 24.51
N VAL B 281 -33.83 29.85 24.05
CA VAL B 281 -34.75 28.77 23.71
C VAL B 281 -35.32 28.17 25.02
N GLN B 282 -34.49 28.09 26.09
CA GLN B 282 -34.92 27.63 27.40
C GLN B 282 -36.03 28.53 27.95
N TYR B 283 -35.90 29.86 27.74
CA TYR B 283 -36.89 30.85 28.16
C TYR B 283 -38.23 30.55 27.49
N GLN B 284 -38.22 30.35 26.17
CA GLN B 284 -39.43 30.11 25.41
C GLN B 284 -40.07 28.79 25.78
N LEU B 285 -39.25 27.77 26.09
CA LEU B 285 -39.78 26.47 26.47
C LEU B 285 -40.41 26.55 27.86
N ALA B 286 -39.77 27.29 28.80
CA ALA B 286 -40.29 27.47 30.16
C ALA B 286 -41.60 28.26 30.16
N THR B 287 -41.67 29.40 29.43
CA THR B 287 -42.92 30.17 29.37
C THR B 287 -44.03 29.35 28.70
N SER B 288 -43.68 28.43 27.79
CA SER B 288 -44.66 27.56 27.14
C SER B 288 -45.20 26.53 28.13
N TYR B 289 -44.33 25.99 29.00
CA TYR B 289 -44.74 25.05 30.04
C TYR B 289 -45.63 25.75 31.07
N VAL B 290 -45.28 27.02 31.41
CA VAL B 290 -46.04 27.88 32.33
C VAL B 290 -47.43 28.17 31.73
N GLU B 291 -47.50 28.45 30.43
CA GLU B 291 -48.77 28.74 29.75
C GLU B 291 -49.66 27.49 29.67
N VAL B 292 -49.07 26.33 29.34
CA VAL B 292 -49.76 25.04 29.22
C VAL B 292 -50.26 24.57 30.60
N GLU B 293 -49.53 24.92 31.68
CA GLU B 293 -49.93 24.58 33.05
C GLU B 293 -51.35 25.08 33.39
N ASN B 294 -51.79 26.16 32.73
CA ASN B 294 -53.12 26.74 32.86
C ASN B 294 -53.39 27.23 34.28
N LEU B 295 -52.42 27.94 34.85
CA LEU B 295 -52.59 28.55 36.17
C LEU B 295 -53.51 29.80 36.02
N GLY B 296 -53.75 30.53 37.12
CA GLY B 296 -54.59 31.73 37.05
C GLY B 296 -54.05 32.78 36.11
N SER B 297 -54.91 33.69 35.62
CA SER B 297 -54.46 34.75 34.72
C SER B 297 -53.46 35.67 35.43
N ALA B 298 -53.73 35.96 36.72
CA ALA B 298 -52.87 36.81 37.55
C ALA B 298 -51.62 36.04 37.99
N LYS B 299 -51.76 34.75 38.31
CA LYS B 299 -50.63 33.92 38.71
C LYS B 299 -49.64 33.77 37.55
N THR B 300 -50.15 33.56 36.32
CA THR B 300 -49.34 33.42 35.12
C THR B 300 -48.61 34.73 34.81
N LYS B 301 -49.30 35.88 35.00
CA LYS B 301 -48.73 37.21 34.77
C LYS B 301 -47.57 37.47 35.73
N ASN B 302 -47.67 36.99 36.98
CA ASN B 302 -46.61 37.14 37.95
C ASN B 302 -45.36 36.35 37.54
N ILE B 303 -45.56 35.12 37.05
CA ILE B 303 -44.44 34.27 36.65
C ILE B 303 -43.73 34.84 35.40
N GLU B 304 -44.49 35.14 34.35
CA GLU B 304 -43.94 35.60 33.07
C GLU B 304 -43.21 36.95 33.09
N ASN B 305 -43.54 37.88 34.02
CA ASN B 305 -42.81 39.16 34.03
C ASN B 305 -42.04 39.40 35.35
N ASN B 306 -41.92 38.39 36.23
CA ASN B 306 -41.14 38.55 37.45
C ASN B 306 -40.16 37.39 37.66
N LEU B 307 -40.52 36.17 37.21
CA LEU B 307 -39.65 35.02 37.42
C LEU B 307 -39.04 34.44 36.14
N VAL B 308 -39.86 34.19 35.10
CA VAL B 308 -39.37 33.61 33.86
C VAL B 308 -39.31 34.69 32.79
N THR B 309 -38.25 35.52 32.83
CA THR B 309 -38.01 36.60 31.87
C THR B 309 -36.71 36.35 31.10
N LEU B 310 -36.55 37.00 29.93
CA LEU B 310 -35.34 36.89 29.12
C LEU B 310 -34.05 37.29 29.85
N GLN B 311 -34.16 38.04 30.95
CA GLN B 311 -33.00 38.48 31.71
C GLN B 311 -32.87 37.78 33.08
N SER B 312 -33.69 36.77 33.35
CA SER B 312 -33.65 36.07 34.64
C SER B 312 -32.73 34.84 34.61
N ASP B 313 -32.32 34.38 35.81
CA ASP B 313 -31.48 33.21 36.05
C ASP B 313 -31.95 32.00 35.25
N PRO B 314 -31.09 31.41 34.41
CA PRO B 314 -31.53 30.24 33.62
C PRO B 314 -32.06 29.07 34.47
N GLN B 315 -31.81 29.08 35.79
CA GLN B 315 -32.34 28.08 36.72
C GLN B 315 -33.87 28.14 36.76
N HIS B 316 -34.47 29.34 36.56
CA HIS B 316 -35.92 29.49 36.52
C HIS B 316 -36.50 28.74 35.32
N PHE B 317 -35.78 28.72 34.18
CA PHE B 317 -36.22 28.01 32.99
C PHE B 317 -36.14 26.51 33.22
N LEU B 318 -35.06 26.05 33.85
CA LEU B 318 -34.87 24.64 34.13
C LEU B 318 -35.91 24.12 35.10
N TYR B 319 -36.34 24.95 36.07
CA TYR B 319 -37.38 24.57 37.02
C TYR B 319 -38.70 24.27 36.31
N TRP B 320 -39.15 25.18 35.42
CA TRP B 320 -40.42 25.02 34.74
C TRP B 320 -40.39 23.94 33.67
N ILE B 321 -39.23 23.67 33.08
CA ILE B 321 -39.11 22.59 32.10
C ILE B 321 -39.16 21.25 32.86
N ASP B 322 -38.48 21.15 34.01
CA ASP B 322 -38.53 19.93 34.82
C ASP B 322 -39.93 19.70 35.37
N TYR B 323 -40.59 20.75 35.88
CA TYR B 323 -41.95 20.64 36.41
C TYR B 323 -42.92 20.25 35.27
N GLY B 324 -42.75 20.86 34.11
CA GLY B 324 -43.60 20.57 32.96
C GLY B 324 -43.40 19.20 32.35
N ARG B 325 -42.24 18.55 32.62
CA ARG B 325 -41.94 17.22 32.10
C ARG B 325 -42.11 16.07 33.11
N GLY B 326 -42.72 16.35 34.26
CA GLY B 326 -42.94 15.33 35.28
C GLY B 326 -41.69 14.94 36.05
N GLU B 327 -40.70 15.82 36.09
CA GLU B 327 -39.47 15.58 36.83
C GLU B 327 -39.51 16.45 38.08
N TYR B 328 -40.40 16.08 38.99
CA TYR B 328 -40.70 16.82 40.22
C TYR B 328 -39.56 16.77 41.22
N LYS B 329 -38.88 15.62 41.39
CA LYS B 329 -37.75 15.54 42.33
C LYS B 329 -36.58 16.44 41.85
N GLU B 330 -36.43 16.60 40.53
CA GLU B 330 -35.41 17.45 39.94
C GLU B 330 -35.77 18.91 40.09
N ALA B 331 -37.06 19.25 39.93
CA ALA B 331 -37.56 20.62 40.07
C ALA B 331 -37.49 21.10 41.52
N ILE B 332 -37.70 20.19 42.48
CA ILE B 332 -37.65 20.54 43.91
C ILE B 332 -36.23 20.98 44.28
N SER B 333 -35.20 20.27 43.77
CA SER B 333 -33.80 20.60 44.04
C SER B 333 -33.42 21.98 43.48
N ILE B 334 -34.00 22.35 42.32
CA ILE B 334 -33.77 23.65 41.70
C ILE B 334 -34.43 24.75 42.53
N GLY B 335 -35.64 24.49 43.03
CA GLY B 335 -36.36 25.42 43.89
C GLY B 335 -35.64 25.68 45.19
N ARG B 336 -34.97 24.64 45.73
CA ARG B 336 -34.18 24.75 46.95
C ARG B 336 -32.90 25.57 46.71
N LYS B 337 -32.32 25.45 45.51
CA LYS B 337 -31.10 26.17 45.12
C LYS B 337 -31.37 27.67 44.99
N LEU B 338 -32.51 28.05 44.37
CA LEU B 338 -32.87 29.46 44.19
C LEU B 338 -33.43 30.11 45.48
N GLU B 339 -33.64 29.32 46.56
CA GLU B 339 -34.19 29.73 47.85
C GLU B 339 -35.62 30.31 47.71
N TYR B 340 -36.35 29.90 46.66
CA TYR B 340 -37.71 30.33 46.40
C TYR B 340 -38.66 29.32 47.01
N ASN B 341 -39.28 29.67 48.15
CA ASN B 341 -40.18 28.77 48.88
C ASN B 341 -41.44 28.42 48.08
N ASP B 342 -41.89 29.31 47.18
CA ASP B 342 -43.06 29.02 46.34
C ASP B 342 -42.72 27.91 45.32
N TYR B 343 -41.48 27.90 44.81
CA TYR B 343 -41.01 26.88 43.87
C TYR B 343 -40.89 25.51 44.54
N ILE B 344 -40.56 25.47 45.83
CA ILE B 344 -40.42 24.23 46.57
C ILE B 344 -41.81 23.66 46.90
N TYR B 345 -42.70 24.47 47.50
CA TYR B 345 -44.04 24.06 47.90
C TYR B 345 -44.92 23.66 46.72
N PHE B 346 -44.84 24.37 45.59
CA PHE B 346 -45.66 24.07 44.42
C PHE B 346 -45.21 22.78 43.72
N ALA B 347 -43.90 22.48 43.78
CA ALA B 347 -43.38 21.25 43.18
C ALA B 347 -43.57 20.05 44.11
N LEU B 348 -43.51 20.29 45.44
CA LEU B 348 -43.74 19.24 46.45
C LEU B 348 -45.18 18.73 46.40
N ALA B 349 -46.14 19.61 46.07
CA ALA B 349 -47.56 19.30 45.96
C ALA B 349 -47.84 18.41 44.75
N LYS B 350 -47.21 18.71 43.60
CA LYS B 350 -47.39 17.90 42.40
C LYS B 350 -46.65 16.55 42.53
N TYR B 351 -45.56 16.51 43.31
CA TYR B 351 -44.81 15.28 43.59
C TYR B 351 -45.66 14.35 44.48
N LYS B 352 -46.45 14.93 45.42
CA LYS B 352 -47.36 14.19 46.29
C LYS B 352 -48.51 13.58 45.49
N GLN B 353 -49.00 14.30 44.46
CA GLN B 353 -50.06 13.82 43.58
C GLN B 353 -49.55 12.68 42.68
N GLN B 354 -48.28 12.75 42.26
CA GLN B 354 -47.65 11.72 41.43
C GLN B 354 -47.49 10.43 42.24
N LEU B 355 -47.09 10.54 43.51
CA LEU B 355 -46.93 9.39 44.39
C LEU B 355 -48.30 8.78 44.73
N LEU B 356 -49.35 9.61 44.84
CA LEU B 356 -50.70 9.15 45.07
C LEU B 356 -51.23 8.46 43.80
N SER B 357 -52.13 7.48 43.97
CA SER B 357 -52.72 6.66 42.90
C SER B 357 -51.68 5.68 42.34
N GLU B 358 -51.00 4.97 43.24
CA GLU B 358 -50.00 3.96 42.87
C GLU B 358 -50.18 2.71 43.74
N ASP B 359 -50.05 2.82 45.08
CA ASP B 359 -50.23 1.71 46.02
C ASP B 359 -50.30 2.21 47.46
N THR B 360 -51.03 1.47 48.32
CA THR B 360 -51.18 1.80 49.73
C THR B 360 -50.07 1.15 50.59
N ASN B 361 -48.88 0.95 50.01
CA ASN B 361 -47.72 0.37 50.68
C ASN B 361 -46.47 1.25 50.46
N ASP B 362 -46.67 2.56 50.20
CA ASP B 362 -45.56 3.47 49.93
C ASP B 362 -45.25 4.39 51.14
N GLU B 363 -44.48 3.88 52.11
CA GLU B 363 -44.05 4.64 53.29
C GLU B 363 -43.14 5.82 52.89
N ASP B 364 -42.47 5.74 51.73
CA ASP B 364 -41.61 6.82 51.24
C ASP B 364 -42.46 8.02 50.79
N ILE B 365 -43.67 7.77 50.26
CA ILE B 365 -44.58 8.80 49.81
C ILE B 365 -45.20 9.51 51.02
N GLN B 366 -45.55 8.76 52.07
CA GLN B 366 -46.13 9.31 53.29
C GLN B 366 -45.12 10.19 54.05
N LYS B 367 -43.83 9.84 53.99
CA LYS B 367 -42.77 10.62 54.64
C LYS B 367 -42.54 11.93 53.88
N GLU B 368 -42.61 11.88 52.54
CA GLU B 368 -42.44 13.07 51.71
C GLU B 368 -43.66 13.99 51.82
N LEU B 369 -44.86 13.42 51.99
CA LEU B 369 -46.08 14.20 52.17
C LEU B 369 -46.10 14.91 53.52
N ASP B 370 -45.51 14.28 54.55
CA ASP B 370 -45.44 14.89 55.89
C ASP B 370 -44.43 16.05 55.92
N SER B 371 -43.41 16.02 55.05
CA SER B 371 -42.40 17.07 54.97
C SER B 371 -42.96 18.33 54.32
N VAL B 372 -43.82 18.17 53.31
CA VAL B 372 -44.40 19.30 52.58
C VAL B 372 -45.49 20.00 53.39
N ASN B 373 -46.32 19.23 54.12
CA ASN B 373 -47.42 19.77 54.92
C ASN B 373 -46.94 20.60 56.11
N SER B 374 -45.75 20.28 56.64
CA SER B 374 -45.21 21.02 57.79
C SER B 374 -44.69 22.39 57.37
N GLU B 375 -44.12 22.51 56.16
CA GLU B 375 -43.59 23.77 55.67
C GLU B 375 -44.70 24.72 55.19
N LEU B 376 -45.81 24.18 54.71
CA LEU B 376 -46.93 24.99 54.23
C LEU B 376 -47.69 25.64 55.40
N GLU B 377 -47.78 24.93 56.54
CA GLU B 377 -48.46 25.46 57.72
C GLU B 377 -47.56 26.41 58.50
#